data_5DF7
#
_entry.id   5DF7
#
_cell.length_a   57.253
_cell.length_b   74.919
_cell.length_c   82.722
_cell.angle_alpha   71.26
_cell.angle_beta   85.99
_cell.angle_gamma   85.69
#
_symmetry.space_group_name_H-M   'P 1'
#
loop_
_entity.id
_entity.type
_entity.pdbx_description
1 polymer 'Cell division protein'
2 non-polymer '(2R,4S)-5,5-dimethyl-2-[(1R)-2-oxo-1-{[(2R)-2-{[(2-oxoimidazolidin-1-yl)carbonyl]amino}-2-phenylacetyl]amino}ethyl]-1,3-thiazolidine-4-carboxylic acid'
3 non-polymer GLYCEROL
4 non-polymer 'CHLORIDE ION'
5 non-polymer IMIDAZOLE
6 water water
#
_entity_poly.entity_id   1
_entity_poly.type   'polypeptide(L)'
_entity_poly.pdbx_seq_one_letter_code
;MAHHHHHHSSGLEVLFQGPDLHVIDHDFLKGQGDARSVRHIAIPAHRGLITDRNGEPLAVSTPVTTLWANPKELMTAKER
WPQLAAALGQDTKLFADRIEQNAEREFIYLVRGLTPEQGEGVIALKVPGVYSIEEFRRFYPAGEVVAHAVGFTDVDDRGR
EGIELAFDEWLAGVPGKRQVLKDRRGRVIKDVQVTKNAKPGKTLALSIDLRLQYLAHRELRNALLENGAKAGSLVIMDVK
TGEILAMTNQPTYNPNNRRNLQPAAMRNRAMIDVFEPGSTVKPFSMSAALASGRWKPSDIVDVYPGTLQIGRYTIRDVSR
NSRQLDLTGILIKSSNVGISKIAFDIGAESIYSVMQQVGLGQDTGLGFPGERVGNLPNHRKWPKAETATLAYGYGLSVTA
IQLAHAYAALANDGKSVPLSMTRVDRVPDGVQVISPEVASTVQGMLQQVVEAQGGVFRAQVPGYHAAGKSGTARKVSVGT
KGYRENAYRSLFAGFAPATDPRIAMVVVIDEPSKAGYFGGLVSAPVFSKVMAGALRLMNVPPDNLPTATEQQQVNAAPAK
GGRG
;
_entity_poly.pdbx_strand_id   A,B
#
loop_
_chem_comp.id
_chem_comp.type
_chem_comp.name
_chem_comp.formula
59H non-polymer '(2R,4S)-5,5-dimethyl-2-[(1R)-2-oxo-1-{[(2R)-2-{[(2-oxoimidazolidin-1-yl)carbonyl]amino}-2-phenylacetyl]amino}ethyl]-1,3-thiazolidine-4-carboxylic acid' 'C20 H25 N5 O6 S'
CL non-polymer 'CHLORIDE ION' 'Cl -1'
GOL non-polymer GLYCEROL 'C3 H8 O3'
IMD non-polymer IMIDAZOLE 'C3 H5 N2 1'
#
# COMPACT_ATOMS: atom_id res chain seq x y z
N ALA A 35 7.74 51.58 -13.53
CA ALA A 35 8.01 50.30 -14.25
C ALA A 35 9.51 50.01 -14.37
N ARG A 36 10.34 50.98 -13.98
CA ARG A 36 11.80 50.79 -13.91
C ARG A 36 12.21 50.41 -12.50
N SER A 37 12.52 49.13 -12.30
CA SER A 37 12.89 48.60 -10.99
C SER A 37 13.85 47.42 -11.09
N VAL A 38 14.26 46.90 -9.93
CA VAL A 38 15.17 45.76 -9.87
C VAL A 38 14.39 44.50 -9.50
N ARG A 39 14.73 43.40 -10.17
CA ARG A 39 14.11 42.11 -9.88
C ARG A 39 15.13 41.09 -9.43
N HIS A 40 14.70 40.22 -8.52
CA HIS A 40 15.54 39.12 -8.04
C HIS A 40 15.16 37.87 -8.82
N ILE A 41 16.14 37.25 -9.46
CA ILE A 41 15.94 35.98 -10.15
C ILE A 41 16.79 34.88 -9.50
N ALA A 42 16.27 33.65 -9.54
CA ALA A 42 16.93 32.50 -8.90
C ALA A 42 18.19 32.09 -9.66
N ILE A 43 19.15 31.53 -8.94
CA ILE A 43 20.30 30.89 -9.55
C ILE A 43 20.19 29.39 -9.26
N PRO A 44 19.93 28.57 -10.30
CA PRO A 44 19.73 27.14 -10.08
C PRO A 44 20.96 26.45 -9.49
N ALA A 45 20.73 25.67 -8.44
CA ALA A 45 21.78 24.87 -7.80
C ALA A 45 21.89 23.50 -8.48
N HIS A 46 23.11 23.00 -8.52
CA HIS A 46 23.42 21.69 -9.06
C HIS A 46 23.04 20.62 -8.03
N ARG A 47 22.04 19.79 -8.34
CA ARG A 47 21.67 18.65 -7.48
C ARG A 47 22.80 17.61 -7.44
N GLY A 48 22.95 16.95 -6.29
CA GLY A 48 24.01 15.96 -6.09
C GLY A 48 24.00 14.77 -7.04
N LEU A 49 25.18 14.33 -7.44
CA LEU A 49 25.34 13.15 -8.28
C LEU A 49 25.07 11.86 -7.48
N ILE A 50 24.25 10.98 -8.04
CA ILE A 50 24.10 9.63 -7.50
C ILE A 50 24.89 8.69 -8.39
N THR A 51 25.86 7.99 -7.80
CA THR A 51 26.58 6.96 -8.55
C THR A 51 26.32 5.56 -7.97
N ASP A 52 26.73 4.54 -8.72
CA ASP A 52 26.83 3.21 -8.15
C ASP A 52 28.12 3.12 -7.31
N ARG A 53 28.44 1.92 -6.82
CA ARG A 53 29.55 1.72 -5.87
C ARG A 53 30.93 2.02 -6.47
N ASN A 54 31.01 2.04 -7.79
CA ASN A 54 32.29 2.28 -8.47
C ASN A 54 32.41 3.63 -9.18
N GLY A 55 31.42 4.50 -9.02
CA GLY A 55 31.43 5.83 -9.66
C GLY A 55 30.62 5.95 -10.94
N GLU A 56 29.87 4.91 -11.29
CA GLU A 56 29.03 4.98 -12.48
C GLU A 56 27.81 5.86 -12.23
N PRO A 57 27.63 6.91 -13.04
CA PRO A 57 26.53 7.88 -12.84
C PRO A 57 25.17 7.20 -12.96
N LEU A 58 24.29 7.47 -12.01
CA LEU A 58 22.96 6.88 -11.99
C LEU A 58 21.88 7.96 -12.05
N ALA A 59 22.22 9.14 -11.54
CA ALA A 59 21.36 10.31 -11.60
C ALA A 59 22.28 11.53 -11.69
N VAL A 60 22.15 12.30 -12.76
CA VAL A 60 23.05 13.44 -12.95
C VAL A 60 22.26 14.68 -13.38
N SER A 61 22.65 15.83 -12.82
CA SER A 61 22.04 17.09 -13.18
C SER A 61 22.76 17.65 -14.40
N THR A 62 22.07 17.63 -15.53
CA THR A 62 22.68 18.10 -16.77
C THR A 62 22.29 19.53 -17.09
N PRO A 63 23.27 20.33 -17.54
CA PRO A 63 23.04 21.71 -17.96
C PRO A 63 22.13 21.81 -19.18
N VAL A 64 21.03 22.54 -19.04
CA VAL A 64 20.16 22.87 -20.17
C VAL A 64 19.96 24.38 -20.28
N THR A 65 19.41 24.82 -21.41
CA THR A 65 19.14 26.24 -21.64
C THR A 65 17.65 26.47 -21.89
N THR A 66 17.06 27.35 -21.08
CA THR A 66 15.69 27.79 -21.30
C THR A 66 15.71 29.16 -21.97
N LEU A 67 14.87 29.32 -22.99
CA LEU A 67 14.73 30.61 -23.66
C LEU A 67 13.43 31.26 -23.23
N TRP A 68 13.52 32.53 -22.87
CA TRP A 68 12.34 33.32 -22.57
C TRP A 68 12.34 34.60 -23.39
N ALA A 69 11.17 35.22 -23.47
CA ALA A 69 11.03 36.42 -24.28
C ALA A 69 10.35 37.53 -23.51
N ASN A 70 10.70 38.75 -23.87
CA ASN A 70 9.95 39.92 -23.46
C ASN A 70 9.07 40.33 -24.64
N PRO A 71 7.78 39.95 -24.60
CA PRO A 71 6.82 40.25 -25.67
C PRO A 71 6.84 41.69 -26.15
N LYS A 72 6.98 42.63 -25.21
CA LYS A 72 7.07 44.05 -25.52
C LYS A 72 8.22 44.37 -26.49
N GLU A 73 9.34 43.67 -26.34
CA GLU A 73 10.49 43.84 -27.23
C GLU A 73 10.30 43.12 -28.55
N LEU A 74 9.75 41.89 -28.50
CA LEU A 74 9.49 41.10 -29.70
C LEU A 74 8.47 41.78 -30.62
N MET A 75 7.51 42.49 -30.02
CA MET A 75 6.48 43.22 -30.75
C MET A 75 7.06 44.31 -31.65
N THR A 76 8.30 44.71 -31.39
CA THR A 76 8.99 45.71 -32.22
C THR A 76 9.88 45.06 -33.28
N ALA A 77 10.01 43.74 -33.22
CA ALA A 77 10.88 43.02 -34.16
C ALA A 77 10.13 41.96 -34.96
N LYS A 78 8.88 42.27 -35.32
CA LYS A 78 7.95 41.29 -35.90
C LYS A 78 8.46 40.54 -37.12
N GLU A 79 9.24 41.19 -37.98
CA GLU A 79 9.73 40.50 -39.17
C GLU A 79 10.88 39.51 -38.89
N ARG A 80 11.25 39.39 -37.61
CA ARG A 80 12.20 38.36 -37.18
C ARG A 80 11.48 37.10 -36.70
N TRP A 81 10.17 37.21 -36.49
CA TRP A 81 9.34 36.10 -35.98
C TRP A 81 9.42 34.82 -36.81
N PRO A 82 9.23 34.91 -38.14
CA PRO A 82 9.21 33.66 -38.91
C PRO A 82 10.53 32.89 -38.82
N GLN A 83 11.65 33.61 -38.84
CA GLN A 83 12.96 32.98 -38.66
C GLN A 83 13.09 32.36 -37.28
N LEU A 84 12.67 33.10 -36.25
CA LEU A 84 12.73 32.63 -34.87
C LEU A 84 11.81 31.43 -34.63
N ALA A 85 10.59 31.49 -35.16
CA ALA A 85 9.64 30.39 -35.04
C ALA A 85 10.21 29.10 -35.66
N ALA A 86 10.76 29.23 -36.86
CA ALA A 86 11.36 28.10 -37.57
C ALA A 86 12.53 27.48 -36.78
N ALA A 87 13.37 28.33 -36.17
CA ALA A 87 14.50 27.87 -35.37
C ALA A 87 14.08 27.20 -34.05
N LEU A 88 12.85 27.47 -33.63
CA LEU A 88 12.26 26.87 -32.44
C LEU A 88 11.43 25.65 -32.78
N GLY A 89 11.37 25.32 -34.07
CA GLY A 89 10.55 24.21 -34.56
C GLY A 89 9.07 24.45 -34.36
N GLN A 90 8.63 25.69 -34.51
CA GLN A 90 7.22 26.03 -34.33
C GLN A 90 6.58 26.62 -35.58
N ASP A 91 5.27 26.43 -35.70
CA ASP A 91 4.50 26.94 -36.83
C ASP A 91 4.39 28.46 -36.74
N THR A 92 4.82 29.12 -37.83
CA THR A 92 4.91 30.59 -37.90
C THR A 92 3.73 31.31 -37.25
N LYS A 93 2.51 30.92 -37.62
CA LYS A 93 1.30 31.58 -37.17
C LYS A 93 0.96 31.28 -35.70
N LEU A 94 1.08 30.02 -35.30
CA LEU A 94 0.85 29.62 -33.91
C LEU A 94 1.83 30.33 -32.98
N PHE A 95 3.08 30.44 -33.42
CA PHE A 95 4.10 31.23 -32.71
C PHE A 95 3.70 32.70 -32.61
N ALA A 96 3.18 33.26 -33.71
CA ALA A 96 2.74 34.65 -33.76
C ALA A 96 1.52 34.89 -32.85
N ASP A 97 0.59 33.94 -32.86
CA ASP A 97 -0.58 33.99 -31.96
C ASP A 97 -0.13 34.07 -30.50
N ARG A 98 0.82 33.24 -30.12
CA ARG A 98 1.39 33.27 -28.77
C ARG A 98 1.85 34.67 -28.37
N ILE A 99 2.76 35.26 -29.15
CA ILE A 99 3.34 36.56 -28.79
C ILE A 99 2.28 37.67 -28.71
N GLU A 100 1.38 37.70 -29.69
CA GLU A 100 0.31 38.71 -29.77
C GLU A 100 -0.65 38.63 -28.58
N GLN A 101 -1.06 37.43 -28.22
CA GLN A 101 -1.92 37.21 -27.04
C GLN A 101 -1.24 37.64 -25.73
N ASN A 102 0.09 37.74 -25.75
CA ASN A 102 0.87 38.12 -24.57
C ASN A 102 1.60 39.46 -24.68
N ALA A 103 1.25 40.26 -25.69
CA ALA A 103 1.87 41.57 -25.92
C ALA A 103 1.94 42.43 -24.66
N GLU A 104 0.97 42.22 -23.76
CA GLU A 104 0.88 42.96 -22.49
C GLU A 104 1.99 42.56 -21.53
N ARG A 105 2.35 41.28 -21.54
CA ARG A 105 3.30 40.72 -20.56
C ARG A 105 4.76 41.11 -20.86
N GLU A 106 5.62 40.93 -19.86
CA GLU A 106 7.05 41.25 -19.97
C GLU A 106 7.91 40.00 -19.91
N PHE A 107 7.27 38.86 -19.62
CA PHE A 107 7.97 37.60 -19.50
C PHE A 107 7.08 36.46 -19.99
N ILE A 108 7.62 35.64 -20.88
CA ILE A 108 7.03 34.35 -21.25
C ILE A 108 8.13 33.39 -21.66
N TYR A 109 7.96 32.12 -21.32
CA TYR A 109 8.84 31.06 -21.82
C TYR A 109 8.59 30.83 -23.30
N LEU A 110 9.67 30.65 -24.06
CA LEU A 110 9.55 30.26 -25.46
C LEU A 110 9.67 28.75 -25.53
N VAL A 111 10.83 28.23 -25.14
CA VAL A 111 11.06 26.80 -24.98
C VAL A 111 11.90 26.54 -23.73
N ARG A 112 11.64 25.42 -23.08
CA ARG A 112 12.41 25.02 -21.90
C ARG A 112 13.28 23.82 -22.20
N GLY A 113 14.48 23.81 -21.62
CA GLY A 113 15.34 22.63 -21.67
C GLY A 113 15.97 22.26 -22.99
N LEU A 114 16.47 23.25 -23.72
CA LEU A 114 17.30 22.99 -24.90
C LEU A 114 18.72 22.65 -24.45
N THR A 115 19.49 22.01 -25.33
CA THR A 115 20.92 21.81 -25.06
C THR A 115 21.62 23.18 -25.07
N PRO A 116 22.73 23.31 -24.31
CA PRO A 116 23.52 24.53 -24.33
C PRO A 116 23.81 25.10 -25.73
N GLU A 117 24.19 24.24 -26.67
CA GLU A 117 24.48 24.69 -28.03
C GLU A 117 23.23 25.11 -28.82
N GLN A 118 22.09 24.51 -28.50
CA GLN A 118 20.82 24.88 -29.14
C GLN A 118 20.39 26.28 -28.73
N GLY A 119 20.51 26.58 -27.44
CA GLY A 119 20.27 27.92 -26.92
C GLY A 119 21.29 28.92 -27.45
N GLU A 120 22.51 28.45 -27.69
CA GLU A 120 23.59 29.26 -28.27
C GLU A 120 23.22 29.74 -29.68
N GLY A 121 22.62 28.85 -30.47
CA GLY A 121 22.23 29.16 -31.84
C GLY A 121 21.12 30.19 -31.95
N VAL A 122 20.10 30.04 -31.10
CA VAL A 122 18.95 30.95 -31.10
C VAL A 122 19.32 32.34 -30.58
N ILE A 123 20.14 32.40 -29.53
CA ILE A 123 20.62 33.68 -28.99
C ILE A 123 21.49 34.40 -30.02
N ALA A 124 22.29 33.64 -30.75
CA ALA A 124 23.19 34.19 -31.76
C ALA A 124 22.47 34.92 -32.90
N LEU A 125 21.18 34.59 -33.09
CA LEU A 125 20.33 35.25 -34.09
C LEU A 125 20.06 36.71 -33.72
N LYS A 126 20.28 37.03 -32.45
CA LYS A 126 20.21 38.41 -31.93
C LYS A 126 18.83 39.06 -32.13
N VAL A 127 17.78 38.26 -31.93
CA VAL A 127 16.41 38.76 -32.00
C VAL A 127 16.12 39.58 -30.75
N PRO A 128 15.72 40.87 -30.92
CA PRO A 128 15.41 41.71 -29.77
C PRO A 128 14.35 41.07 -28.86
N GLY A 129 14.61 41.08 -27.55
CA GLY A 129 13.64 40.60 -26.57
C GLY A 129 13.68 39.12 -26.27
N VAL A 130 14.68 38.42 -26.79
CA VAL A 130 14.86 36.98 -26.53
C VAL A 130 16.04 36.78 -25.60
N TYR A 131 15.81 36.16 -24.45
CA TYR A 131 16.87 35.91 -23.47
C TYR A 131 17.00 34.43 -23.14
N SER A 132 18.16 34.06 -22.60
CA SER A 132 18.41 32.69 -22.18
C SER A 132 18.80 32.63 -20.71
N ILE A 133 18.44 31.52 -20.06
CA ILE A 133 18.86 31.25 -18.69
C ILE A 133 19.29 29.79 -18.55
N GLU A 134 20.45 29.59 -17.92
CA GLU A 134 21.01 28.25 -17.73
C GLU A 134 20.25 27.53 -16.61
N GLU A 135 19.80 26.32 -16.91
CA GLU A 135 19.05 25.51 -15.97
C GLU A 135 19.64 24.09 -15.92
N PHE A 136 19.12 23.27 -15.01
CA PHE A 136 19.53 21.87 -14.94
C PHE A 136 18.37 20.93 -15.23
N ARG A 137 18.68 19.80 -15.84
CA ARG A 137 17.73 18.71 -16.02
C ARG A 137 18.32 17.45 -15.42
N ARG A 138 17.54 16.79 -14.55
CA ARG A 138 17.97 15.54 -13.96
C ARG A 138 17.88 14.44 -15.02
N PHE A 139 18.99 13.76 -15.25
CA PHE A 139 19.05 12.67 -16.21
C PHE A 139 19.49 11.35 -15.55
N TYR A 140 18.88 10.25 -16.00
CA TYR A 140 19.13 8.91 -15.46
C TYR A 140 19.69 8.00 -16.58
N PRO A 141 21.05 7.88 -16.64
CA PRO A 141 21.78 7.21 -17.72
C PRO A 141 21.46 5.72 -17.91
N ALA A 142 21.02 5.05 -16.85
CA ALA A 142 20.69 3.64 -16.97
C ALA A 142 19.18 3.46 -17.05
N GLY A 143 18.45 4.56 -16.97
CA GLY A 143 16.99 4.54 -17.16
C GLY A 143 16.30 3.46 -16.35
N GLU A 144 15.54 2.61 -17.05
CA GLU A 144 14.71 1.56 -16.44
C GLU A 144 15.46 0.51 -15.63
N VAL A 145 16.76 0.39 -15.87
CA VAL A 145 17.57 -0.65 -15.27
C VAL A 145 17.66 -0.46 -13.75
N VAL A 146 17.61 0.79 -13.31
CA VAL A 146 17.73 1.10 -11.88
C VAL A 146 16.66 2.10 -11.43
N ALA A 147 15.59 2.23 -12.20
CA ALA A 147 14.51 3.17 -11.86
C ALA A 147 13.93 3.00 -10.45
N HIS A 148 13.65 1.75 -10.06
CA HIS A 148 13.03 1.49 -8.75
C HIS A 148 13.90 1.89 -7.56
N ALA A 149 15.19 1.59 -7.61
CA ALA A 149 16.15 1.97 -6.58
C ALA A 149 16.31 3.50 -6.54
N VAL A 150 16.70 4.08 -7.67
CA VAL A 150 17.05 5.50 -7.74
C VAL A 150 15.86 6.47 -7.65
N GLY A 151 14.72 6.09 -8.23
CA GLY A 151 13.53 6.94 -8.23
C GLY A 151 13.72 8.13 -9.16
N PHE A 152 13.06 9.24 -8.83
CA PHE A 152 13.18 10.46 -9.65
C PHE A 152 12.78 11.73 -8.89
N THR A 153 13.09 12.86 -9.50
CA THR A 153 12.68 14.18 -9.03
C THR A 153 11.49 14.70 -9.81
N ASP A 154 10.67 15.54 -9.18
CA ASP A 154 9.55 16.21 -9.87
C ASP A 154 10.01 17.44 -10.68
N VAL A 155 9.05 18.12 -11.30
CA VAL A 155 9.31 19.32 -12.11
C VAL A 155 10.08 20.42 -11.34
N ASP A 156 9.96 20.43 -10.01
CA ASP A 156 10.73 21.33 -9.15
C ASP A 156 12.04 20.69 -8.65
N ASP A 157 12.55 19.71 -9.41
CA ASP A 157 13.55 18.71 -8.94
C ASP A 157 13.68 18.48 -7.43
N ARG A 158 12.54 18.27 -6.80
CA ARG A 158 12.43 17.72 -5.46
C ARG A 158 12.27 16.21 -5.59
N GLY A 159 12.96 15.44 -4.74
CA GLY A 159 12.86 13.97 -4.79
C GLY A 159 11.44 13.48 -4.52
N ARG A 160 10.93 12.59 -5.38
CA ARG A 160 9.55 12.10 -5.22
C ARG A 160 9.42 10.59 -5.01
N GLU A 161 10.38 9.84 -5.54
CA GLU A 161 10.41 8.38 -5.39
C GLU A 161 11.83 7.92 -5.03
N GLY A 162 11.92 6.76 -4.40
CA GLY A 162 13.18 6.07 -4.25
C GLY A 162 14.27 6.82 -3.52
N ILE A 163 15.52 6.56 -3.91
CA ILE A 163 16.70 7.19 -3.30
C ILE A 163 16.66 8.71 -3.44
N GLU A 164 16.15 9.22 -4.57
CA GLU A 164 16.02 10.67 -4.78
C GLU A 164 15.19 11.31 -3.66
N LEU A 165 14.14 10.61 -3.24
CA LEU A 165 13.31 11.05 -2.13
C LEU A 165 14.02 10.84 -0.79
N ALA A 166 14.52 9.64 -0.55
CA ALA A 166 15.10 9.27 0.75
C ALA A 166 16.32 10.11 1.16
N PHE A 167 17.12 10.51 0.19
CA PHE A 167 18.33 11.30 0.46
C PHE A 167 18.21 12.73 -0.09
N ASP A 168 16.98 13.21 -0.20
CA ASP A 168 16.70 14.50 -0.84
C ASP A 168 17.47 15.67 -0.23
N GLU A 169 17.56 15.68 1.11
CA GLU A 169 18.29 16.70 1.85
C GLU A 169 19.79 16.66 1.55
N TRP A 170 20.34 15.45 1.48
CA TRP A 170 21.75 15.26 1.12
C TRP A 170 22.00 15.75 -0.31
N LEU A 171 21.12 15.34 -1.22
CA LEU A 171 21.29 15.60 -2.64
C LEU A 171 20.96 17.03 -3.10
N ALA A 172 20.00 17.66 -2.44
CA ALA A 172 19.51 18.96 -2.88
C ALA A 172 20.57 20.04 -2.73
N GLY A 173 20.63 20.94 -3.70
CA GLY A 173 21.48 22.12 -3.55
C GLY A 173 20.69 23.22 -2.88
N VAL A 174 21.31 24.38 -2.73
CA VAL A 174 20.60 25.57 -2.29
C VAL A 174 20.73 26.55 -3.44
N PRO A 175 19.59 26.90 -4.08
CA PRO A 175 19.61 27.87 -5.16
C PRO A 175 20.05 29.25 -4.67
N GLY A 176 20.74 29.97 -5.53
CA GLY A 176 21.17 31.33 -5.23
C GLY A 176 20.18 32.37 -5.70
N LYS A 177 20.59 33.63 -5.67
CA LYS A 177 19.74 34.75 -6.04
C LYS A 177 20.59 35.89 -6.57
N ARG A 178 20.09 36.57 -7.59
CA ARG A 178 20.77 37.74 -8.13
C ARG A 178 19.78 38.80 -8.58
N GLN A 179 20.27 40.04 -8.66
CA GLN A 179 19.41 41.16 -9.05
C GLN A 179 19.69 41.60 -10.48
N VAL A 180 18.62 41.85 -11.22
CA VAL A 180 18.75 42.43 -12.56
C VAL A 180 17.95 43.73 -12.66
N LEU A 181 18.47 44.68 -13.42
CA LEU A 181 17.76 45.93 -13.67
C LEU A 181 16.99 45.85 -15.00
N LYS A 182 15.70 46.18 -14.93
CA LYS A 182 14.85 46.27 -16.12
C LYS A 182 14.28 47.68 -16.26
N ASP A 183 14.12 48.14 -17.50
CA ASP A 183 13.52 49.44 -17.75
C ASP A 183 11.99 49.36 -17.85
N ARG A 184 11.36 50.49 -18.21
CA ARG A 184 9.91 50.62 -18.31
C ARG A 184 9.27 49.53 -19.17
N ARG A 185 9.93 49.21 -20.29
CA ARG A 185 9.44 48.24 -21.27
C ARG A 185 9.80 46.80 -20.90
N GLY A 186 10.54 46.64 -19.80
CA GLY A 186 10.90 45.31 -19.30
C GLY A 186 12.15 44.71 -19.92
N ARG A 187 12.85 45.46 -20.74
CA ARG A 187 14.12 44.96 -21.29
C ARG A 187 15.21 44.98 -20.23
N VAL A 188 15.94 43.87 -20.12
CA VAL A 188 17.01 43.75 -19.14
C VAL A 188 18.20 44.59 -19.59
N ILE A 189 18.60 45.54 -18.75
CA ILE A 189 19.72 46.40 -19.10
C ILE A 189 21.00 46.13 -18.32
N LYS A 190 20.88 45.53 -17.14
CA LYS A 190 22.06 45.24 -16.30
C LYS A 190 21.86 44.09 -15.31
N ASP A 191 22.87 43.22 -15.22
CA ASP A 191 23.00 42.29 -14.11
C ASP A 191 23.63 43.09 -12.97
N VAL A 192 22.85 43.38 -11.95
CA VAL A 192 23.30 44.27 -10.87
C VAL A 192 24.30 43.62 -9.92
N GLN A 193 23.93 42.48 -9.33
CA GLN A 193 24.78 41.80 -8.35
C GLN A 193 24.23 40.42 -8.04
N VAL A 194 25.11 39.53 -7.57
CA VAL A 194 24.67 38.27 -6.98
C VAL A 194 24.50 38.53 -5.48
N THR A 195 23.29 38.31 -4.97
CA THR A 195 23.02 38.46 -3.53
C THR A 195 23.30 37.17 -2.73
N LYS A 196 23.22 36.03 -3.40
CA LYS A 196 23.40 34.72 -2.76
C LYS A 196 23.91 33.72 -3.80
N ASN A 197 25.09 33.16 -3.57
CA ASN A 197 25.63 32.08 -4.41
C ASN A 197 24.82 30.81 -4.26
N ALA A 198 24.71 30.05 -5.35
CA ALA A 198 24.10 28.71 -5.31
C ALA A 198 25.06 27.74 -4.66
N LYS A 199 24.53 26.84 -3.83
CA LYS A 199 25.32 25.77 -3.21
C LYS A 199 24.95 24.42 -3.82
N PRO A 200 25.96 23.68 -4.35
CA PRO A 200 25.64 22.38 -4.95
C PRO A 200 25.30 21.30 -3.91
N GLY A 201 24.42 20.38 -4.29
CA GLY A 201 24.13 19.20 -3.47
C GLY A 201 25.34 18.28 -3.36
N LYS A 202 25.25 17.30 -2.48
CA LYS A 202 26.36 16.34 -2.27
C LYS A 202 26.22 15.04 -3.06
N THR A 203 27.36 14.46 -3.43
CA THR A 203 27.41 13.18 -4.12
C THR A 203 27.02 12.03 -3.18
N LEU A 204 26.31 11.05 -3.74
CA LEU A 204 25.94 9.85 -3.00
C LEU A 204 26.34 8.61 -3.78
N ALA A 205 27.12 7.73 -3.16
CA ALA A 205 27.49 6.46 -3.77
C ALA A 205 26.62 5.33 -3.22
N LEU A 206 25.81 4.73 -4.08
CA LEU A 206 25.00 3.57 -3.68
C LEU A 206 25.86 2.31 -3.55
N SER A 207 25.35 1.31 -2.84
CA SER A 207 25.99 -0.01 -2.78
C SER A 207 25.92 -0.81 -4.10
N ILE A 208 24.92 -0.48 -4.94
CA ILE A 208 24.64 -1.19 -6.20
C ILE A 208 25.86 -1.27 -7.10
N ASP A 209 26.15 -2.46 -7.64
CA ASP A 209 27.12 -2.60 -8.73
C ASP A 209 26.34 -2.61 -10.05
N LEU A 210 26.45 -1.53 -10.82
CA LEU A 210 25.66 -1.35 -12.04
C LEU A 210 25.81 -2.52 -13.02
N ARG A 211 27.01 -3.09 -13.08
CA ARG A 211 27.26 -4.28 -13.91
C ARG A 211 26.37 -5.46 -13.51
N LEU A 212 26.29 -5.74 -12.21
CA LEU A 212 25.38 -6.74 -11.68
C LEU A 212 23.92 -6.38 -11.88
N GLN A 213 23.62 -5.08 -11.78
CA GLN A 213 22.25 -4.56 -11.94
C GLN A 213 21.76 -4.78 -13.38
N TYR A 214 22.58 -4.40 -14.36
CA TYR A 214 22.35 -4.75 -15.76
C TYR A 214 22.12 -6.26 -15.97
N LEU A 215 23.04 -7.09 -15.49
CA LEU A 215 22.86 -8.55 -15.60
C LEU A 215 21.54 -9.02 -14.97
N ALA A 216 21.28 -8.58 -13.74
CA ALA A 216 20.07 -9.03 -13.02
C ALA A 216 18.81 -8.55 -13.71
N HIS A 217 18.82 -7.30 -14.15
CA HIS A 217 17.68 -6.70 -14.83
C HIS A 217 17.32 -7.49 -16.07
N ARG A 218 18.31 -7.74 -16.92
CA ARG A 218 18.09 -8.47 -18.17
C ARG A 218 17.56 -9.88 -17.95
N GLU A 219 18.19 -10.61 -17.04
CA GLU A 219 17.80 -11.99 -16.78
C GLU A 219 16.44 -12.11 -16.12
N LEU A 220 16.09 -11.16 -15.26
CA LEU A 220 14.75 -11.18 -14.64
C LEU A 220 13.71 -10.89 -15.71
N ARG A 221 13.97 -9.90 -16.57
CA ARG A 221 13.07 -9.55 -17.66
C ARG A 221 12.85 -10.75 -18.58
N ASN A 222 13.94 -11.38 -19.00
CA ASN A 222 13.86 -12.57 -19.84
C ASN A 222 12.96 -13.65 -19.24
N ALA A 223 13.20 -13.96 -17.96
CA ALA A 223 12.46 -15.02 -17.28
C ALA A 223 11.01 -14.65 -17.09
N LEU A 224 10.75 -13.37 -16.83
CA LEU A 224 9.37 -12.87 -16.78
C LEU A 224 8.65 -13.12 -18.10
N LEU A 225 9.34 -12.83 -19.20
CA LEU A 225 8.75 -12.97 -20.53
C LEU A 225 8.63 -14.44 -20.94
N GLU A 226 9.68 -15.24 -20.74
CA GLU A 226 9.60 -16.68 -21.04
C GLU A 226 8.43 -17.35 -20.31
N ASN A 227 8.19 -16.93 -19.07
CA ASN A 227 7.23 -17.59 -18.19
C ASN A 227 5.82 -16.96 -18.20
N GLY A 228 5.66 -15.87 -18.93
CA GLY A 228 4.37 -15.15 -18.98
C GLY A 228 3.91 -14.68 -17.60
N ALA A 229 4.88 -14.32 -16.77
CA ALA A 229 4.64 -13.90 -15.40
C ALA A 229 4.12 -12.46 -15.35
N LYS A 230 3.51 -12.10 -14.22
CA LYS A 230 2.97 -10.75 -14.01
C LYS A 230 3.96 -9.77 -13.38
N ALA A 231 4.73 -10.23 -12.39
CA ALA A 231 5.76 -9.39 -11.79
C ALA A 231 6.89 -10.25 -11.28
N GLY A 232 7.98 -9.60 -10.87
CA GLY A 232 9.10 -10.31 -10.27
C GLY A 232 10.07 -9.40 -9.58
N SER A 233 10.91 -9.98 -8.72
CA SER A 233 11.99 -9.25 -8.04
C SER A 233 13.26 -10.12 -7.99
N LEU A 234 14.41 -9.46 -7.96
CA LEU A 234 15.67 -10.15 -7.83
C LEU A 234 16.57 -9.27 -6.97
N VAL A 235 17.08 -9.85 -5.89
CA VAL A 235 17.97 -9.14 -4.99
C VAL A 235 19.29 -9.89 -4.88
N ILE A 236 20.38 -9.16 -5.02
CA ILE A 236 21.73 -9.69 -4.78
C ILE A 236 22.38 -8.89 -3.65
N MET A 237 23.05 -9.62 -2.76
CA MET A 237 23.63 -9.07 -1.54
C MET A 237 25.06 -9.54 -1.30
N ASP A 238 25.93 -8.63 -0.89
CA ASP A 238 27.24 -9.03 -0.40
C ASP A 238 27.05 -9.58 1.02
N VAL A 239 27.30 -10.87 1.22
CA VAL A 239 27.03 -11.53 2.52
C VAL A 239 27.95 -11.07 3.65
N LYS A 240 29.14 -10.57 3.29
CA LYS A 240 30.12 -10.12 4.27
C LYS A 240 29.89 -8.66 4.71
N THR A 241 29.45 -7.81 3.78
CA THR A 241 29.35 -6.37 4.06
C THR A 241 27.92 -5.86 4.27
N GLY A 242 26.92 -6.67 3.91
CA GLY A 242 25.53 -6.25 4.02
C GLY A 242 25.05 -5.35 2.89
N GLU A 243 25.92 -5.09 1.91
CA GLU A 243 25.58 -4.21 0.79
C GLU A 243 24.64 -4.88 -0.22
N ILE A 244 23.66 -4.10 -0.68
CA ILE A 244 22.79 -4.53 -1.79
C ILE A 244 23.49 -4.24 -3.12
N LEU A 245 23.94 -5.30 -3.79
CA LEU A 245 24.71 -5.18 -5.02
C LEU A 245 23.82 -5.00 -6.24
N ALA A 246 22.60 -5.51 -6.16
CA ALA A 246 21.64 -5.40 -7.22
C ALA A 246 20.24 -5.56 -6.65
N MET A 247 19.29 -4.81 -7.21
CA MET A 247 17.90 -4.86 -6.78
C MET A 247 17.07 -4.44 -7.98
N THR A 248 16.37 -5.40 -8.60
CA THR A 248 15.59 -5.09 -9.79
C THR A 248 14.20 -5.69 -9.69
N ASN A 249 13.24 -5.07 -10.35
CA ASN A 249 11.87 -5.57 -10.36
C ASN A 249 11.26 -5.45 -11.74
N GLN A 250 10.23 -6.24 -11.97
CA GLN A 250 9.39 -6.13 -13.16
C GLN A 250 7.95 -6.09 -12.65
N PRO A 251 7.09 -5.27 -13.26
CA PRO A 251 7.38 -4.34 -14.36
C PRO A 251 8.18 -3.12 -13.91
N THR A 252 8.84 -2.47 -14.87
CA THR A 252 9.60 -1.27 -14.56
C THR A 252 9.19 -0.12 -15.49
N TYR A 253 9.94 0.98 -15.46
CA TYR A 253 9.57 2.16 -16.26
C TYR A 253 10.81 2.97 -16.55
N ASN A 254 10.68 3.86 -17.52
CA ASN A 254 11.75 4.77 -17.90
C ASN A 254 11.53 6.11 -17.18
N PRO A 255 12.42 6.44 -16.22
CA PRO A 255 12.27 7.67 -15.45
C PRO A 255 12.59 8.92 -16.30
N ASN A 256 13.22 8.75 -17.45
CA ASN A 256 13.51 9.88 -18.33
C ASN A 256 12.31 10.22 -19.22
N ASN A 257 11.36 9.30 -19.30
CA ASN A 257 10.14 9.53 -20.05
C ASN A 257 8.94 8.86 -19.39
N ARG A 258 8.24 9.63 -18.57
CA ARG A 258 7.15 9.09 -17.75
C ARG A 258 5.78 9.44 -18.32
N ARG A 259 5.75 9.71 -19.63
CA ARG A 259 4.54 10.14 -20.35
C ARG A 259 3.32 9.25 -20.07
N ASN A 260 3.43 7.96 -20.39
CA ASN A 260 2.33 7.02 -20.21
C ASN A 260 2.50 6.13 -18.99
N LEU A 261 3.20 6.64 -17.98
CA LEU A 261 3.53 5.87 -16.79
C LEU A 261 2.28 5.48 -16.01
N GLN A 262 2.17 4.20 -15.66
CA GLN A 262 1.09 3.70 -14.80
C GLN A 262 1.63 3.40 -13.40
N PRO A 263 0.80 3.62 -12.34
CA PRO A 263 1.27 3.43 -10.97
C PRO A 263 1.97 2.09 -10.69
N ALA A 264 1.40 0.99 -11.19
CA ALA A 264 1.93 -0.36 -10.91
C ALA A 264 3.42 -0.53 -11.24
N ALA A 265 3.89 0.11 -12.31
CA ALA A 265 5.27 -0.05 -12.77
C ALA A 265 6.30 0.69 -11.91
N MET A 266 5.81 1.55 -11.02
CA MET A 266 6.66 2.38 -10.17
C MET A 266 7.18 1.65 -8.91
N ARG A 267 6.59 0.51 -8.59
CA ARG A 267 6.84 -0.17 -7.31
C ARG A 267 8.19 -0.86 -7.20
N ASN A 268 8.96 -0.50 -6.19
CA ASN A 268 10.16 -1.26 -5.84
C ASN A 268 9.75 -2.45 -4.99
N ARG A 269 9.21 -3.46 -5.68
CA ARG A 269 8.55 -4.60 -5.04
C ARG A 269 9.45 -5.34 -4.05
N ALA A 270 10.74 -5.43 -4.39
CA ALA A 270 11.73 -6.03 -3.51
C ALA A 270 11.74 -5.45 -2.09
N MET A 271 11.36 -4.17 -1.97
CA MET A 271 11.40 -3.43 -0.71
C MET A 271 10.01 -3.29 -0.11
N ILE A 272 9.01 -3.10 -0.98
CA ILE A 272 7.71 -2.59 -0.54
C ILE A 272 6.56 -3.59 -0.65
N ASP A 273 6.80 -4.73 -1.28
CA ASP A 273 5.78 -5.76 -1.36
C ASP A 273 6.14 -6.98 -0.52
N VAL A 274 5.15 -7.53 0.18
CA VAL A 274 5.37 -8.69 1.05
C VAL A 274 4.72 -9.95 0.50
N PHE A 275 5.22 -11.09 0.94
CA PHE A 275 4.73 -12.39 0.46
C PHE A 275 5.05 -13.47 1.49
N GLU A 276 4.31 -14.57 1.42
CA GLU A 276 4.62 -15.75 2.24
C GLU A 276 5.79 -16.48 1.58
N PRO A 277 6.91 -16.64 2.30
CA PRO A 277 8.12 -17.22 1.72
C PRO A 277 8.06 -18.75 1.50
N GLY A 278 7.13 -19.43 2.15
CA GLY A 278 6.99 -20.87 1.97
C GLY A 278 8.25 -21.63 2.33
N SER A 279 8.58 -22.62 1.49
CA SER A 279 9.66 -23.57 1.76
C SER A 279 11.05 -22.95 1.85
N THR A 280 11.17 -21.69 1.46
CA THR A 280 12.46 -20.99 1.54
C THR A 280 12.85 -20.66 3.00
N VAL A 281 11.89 -20.76 3.93
CA VAL A 281 12.20 -20.65 5.37
C VAL A 281 12.60 -21.98 6.03
N LYS A 282 12.41 -23.09 5.33
CA LYS A 282 12.77 -24.42 5.88
C LYS A 282 14.20 -24.55 6.39
N PRO A 283 15.19 -23.91 5.71
CA PRO A 283 16.55 -23.95 6.28
C PRO A 283 16.67 -23.30 7.67
N PHE A 284 15.77 -22.37 7.96
CA PHE A 284 15.79 -21.69 9.25
C PHE A 284 15.06 -22.51 10.31
N SER A 285 13.98 -23.19 9.91
CA SER A 285 13.34 -24.19 10.78
C SER A 285 14.32 -25.32 11.11
N MET A 286 15.13 -25.69 10.12
CA MET A 286 16.15 -26.71 10.29
C MET A 286 17.27 -26.21 11.21
N SER A 287 17.63 -24.93 11.09
CA SER A 287 18.63 -24.32 11.95
C SER A 287 18.19 -24.36 13.42
N ALA A 288 16.90 -24.08 13.67
CA ALA A 288 16.30 -24.20 15.00
C ALA A 288 16.31 -25.65 15.51
N ALA A 289 16.01 -26.59 14.62
CA ALA A 289 16.02 -28.01 14.96
C ALA A 289 17.39 -28.44 15.43
N LEU A 290 18.42 -28.07 14.68
CA LEU A 290 19.80 -28.39 15.04
C LEU A 290 20.31 -27.68 16.30
N ALA A 291 19.89 -26.43 16.51
CA ALA A 291 20.29 -25.70 17.72
C ALA A 291 19.58 -26.17 18.99
N SER A 292 18.52 -26.97 18.81
CA SER A 292 17.67 -27.41 19.93
C SER A 292 18.29 -28.52 20.77
N GLY A 293 19.31 -29.19 20.23
CA GLY A 293 19.92 -30.33 20.91
C GLY A 293 19.16 -31.63 20.73
N ARG A 294 18.00 -31.55 20.09
CA ARG A 294 17.07 -32.68 19.96
C ARG A 294 17.14 -33.38 18.59
N TRP A 295 17.91 -32.80 17.68
CA TRP A 295 18.00 -33.33 16.31
C TRP A 295 19.43 -33.34 15.80
N LYS A 296 19.73 -34.28 14.91
CA LYS A 296 21.04 -34.38 14.28
C LYS A 296 20.85 -34.84 12.83
N PRO A 297 21.79 -34.49 11.93
CA PRO A 297 21.61 -34.71 10.49
C PRO A 297 21.26 -36.16 10.10
N SER A 298 21.79 -37.15 10.82
CA SER A 298 21.53 -38.55 10.53
C SER A 298 20.09 -38.98 10.85
N ASP A 299 19.41 -38.25 11.72
CA ASP A 299 18.03 -38.60 12.09
C ASP A 299 17.13 -38.78 10.88
N ILE A 300 16.26 -39.78 10.96
CA ILE A 300 15.31 -40.06 9.90
C ILE A 300 13.89 -39.74 10.38
N VAL A 301 13.08 -39.17 9.49
CA VAL A 301 11.69 -38.85 9.79
C VAL A 301 10.78 -39.62 8.83
N ASP A 302 9.74 -40.22 9.37
CA ASP A 302 8.78 -40.95 8.58
C ASP A 302 7.71 -39.99 8.10
N VAL A 303 7.54 -39.92 6.78
CA VAL A 303 6.66 -38.93 6.14
C VAL A 303 5.50 -39.56 5.38
N TYR A 304 5.42 -40.90 5.40
CA TYR A 304 4.31 -41.63 4.79
C TYR A 304 2.99 -41.21 5.45
N PRO A 305 1.90 -41.06 4.66
CA PRO A 305 1.78 -41.21 3.20
C PRO A 305 1.95 -39.91 2.40
N GLY A 306 2.69 -38.95 2.94
CA GLY A 306 2.87 -37.66 2.28
C GLY A 306 1.86 -36.64 2.75
N THR A 307 1.06 -37.04 3.74
CA THR A 307 0.09 -36.16 4.39
C THR A 307 0.16 -36.33 5.90
N LEU A 308 -0.29 -35.31 6.63
CA LEU A 308 -0.38 -35.37 8.08
C LEU A 308 -1.66 -34.65 8.52
N GLN A 309 -2.60 -35.42 9.05
CA GLN A 309 -3.86 -34.87 9.53
C GLN A 309 -3.71 -34.37 10.95
N ILE A 310 -4.06 -33.12 11.16
CA ILE A 310 -4.09 -32.52 12.50
C ILE A 310 -5.38 -31.73 12.69
N GLY A 311 -6.32 -32.31 13.43
CA GLY A 311 -7.65 -31.72 13.59
C GLY A 311 -8.38 -31.70 12.27
N ARG A 312 -8.79 -30.50 11.85
CA ARG A 312 -9.47 -30.32 10.57
C ARG A 312 -8.49 -30.13 9.40
N TYR A 313 -7.38 -29.42 9.67
CA TYR A 313 -6.42 -29.07 8.63
C TYR A 313 -5.51 -30.25 8.25
N THR A 314 -5.13 -30.30 6.97
CA THR A 314 -4.23 -31.33 6.47
C THR A 314 -2.97 -30.71 5.88
N ILE A 315 -1.82 -31.17 6.37
CA ILE A 315 -0.52 -30.83 5.80
C ILE A 315 -0.30 -31.80 4.64
N ARG A 316 0.07 -31.26 3.48
CA ARG A 316 0.32 -32.06 2.29
C ARG A 316 1.70 -31.83 1.69
N ASP A 317 2.36 -32.94 1.32
CA ASP A 317 3.58 -32.89 0.50
C ASP A 317 3.21 -32.99 -0.97
N VAL A 318 3.97 -32.31 -1.82
CA VAL A 318 3.82 -32.43 -3.26
C VAL A 318 4.59 -33.66 -3.73
N SER A 319 5.89 -33.67 -3.47
CA SER A 319 6.72 -34.85 -3.71
C SER A 319 6.32 -35.95 -2.72
N ARG A 320 5.86 -37.08 -3.26
CA ARG A 320 5.36 -38.20 -2.42
C ARG A 320 5.96 -39.54 -2.79
N ASN A 321 7.23 -39.53 -3.20
CA ASN A 321 7.91 -40.75 -3.66
C ASN A 321 8.95 -41.29 -2.67
N SER A 322 8.71 -41.04 -1.38
CA SER A 322 9.54 -41.59 -0.30
C SER A 322 8.73 -41.74 0.97
N ARG A 323 9.00 -42.80 1.73
CA ARG A 323 8.31 -43.05 2.99
C ARG A 323 9.04 -42.40 4.16
N GLN A 324 10.37 -42.30 4.04
CA GLN A 324 11.17 -41.65 5.07
C GLN A 324 12.38 -40.90 4.52
N LEU A 325 12.80 -39.88 5.26
CA LEU A 325 13.86 -38.97 4.83
C LEU A 325 14.71 -38.58 6.02
N ASP A 326 16.03 -38.52 5.82
CA ASP A 326 16.89 -37.92 6.83
C ASP A 326 16.73 -36.39 6.79
N LEU A 327 17.49 -35.68 7.61
CA LEU A 327 17.32 -34.23 7.69
C LEU A 327 17.59 -33.54 6.34
N THR A 328 18.70 -33.88 5.70
CA THR A 328 19.04 -33.33 4.38
C THR A 328 17.96 -33.58 3.32
N GLY A 329 17.37 -34.76 3.34
CA GLY A 329 16.39 -35.16 2.33
C GLY A 329 15.05 -34.48 2.52
N ILE A 330 14.77 -34.06 3.75
CA ILE A 330 13.61 -33.23 4.03
C ILE A 330 13.70 -31.92 3.24
N LEU A 331 14.90 -31.34 3.17
CA LEU A 331 15.12 -30.10 2.41
C LEU A 331 15.24 -30.34 0.90
N ILE A 332 15.89 -31.45 0.51
CA ILE A 332 16.05 -31.80 -0.90
C ILE A 332 14.68 -32.04 -1.55
N LYS A 333 13.82 -32.78 -0.87
CA LYS A 333 12.49 -33.12 -1.39
C LYS A 333 11.42 -32.09 -0.98
N SER A 334 11.80 -31.17 -0.10
CA SER A 334 10.89 -30.13 0.40
C SER A 334 9.63 -30.75 0.99
N SER A 335 9.83 -31.55 2.03
CA SER A 335 8.71 -32.19 2.69
C SER A 335 8.12 -31.29 3.78
N ASN A 336 6.87 -30.86 3.56
CA ASN A 336 6.11 -30.11 4.56
C ASN A 336 5.80 -30.97 5.77
N VAL A 337 5.45 -32.24 5.51
CA VAL A 337 5.16 -33.21 6.57
C VAL A 337 6.40 -33.44 7.43
N GLY A 338 7.55 -33.61 6.78
CA GLY A 338 8.82 -33.80 7.48
C GLY A 338 9.17 -32.64 8.41
N ILE A 339 9.13 -31.42 7.86
CA ILE A 339 9.41 -30.22 8.63
C ILE A 339 8.38 -30.01 9.73
N SER A 340 7.12 -30.35 9.48
CA SER A 340 6.05 -30.24 10.48
C SER A 340 6.34 -31.12 11.72
N LYS A 341 6.77 -32.37 11.47
CA LYS A 341 7.05 -33.32 12.55
C LYS A 341 8.21 -32.84 13.42
N ILE A 342 9.26 -32.33 12.80
CA ILE A 342 10.37 -31.68 13.52
C ILE A 342 9.86 -30.48 14.34
N ALA A 343 8.98 -29.68 13.73
CA ALA A 343 8.43 -28.49 14.38
C ALA A 343 7.64 -28.81 15.64
N PHE A 344 6.81 -29.86 15.58
CA PHE A 344 6.02 -30.29 16.75
C PHE A 344 6.95 -30.68 17.88
N ASP A 345 8.06 -31.33 17.55
CA ASP A 345 9.05 -31.74 18.53
C ASP A 345 9.75 -30.55 19.19
N ILE A 346 10.27 -29.63 18.39
CA ILE A 346 11.02 -28.49 18.95
C ILE A 346 10.15 -27.35 19.46
N GLY A 347 8.93 -27.22 18.93
CA GLY A 347 8.03 -26.12 19.32
C GLY A 347 8.25 -24.84 18.53
N ALA A 348 7.19 -24.03 18.44
CA ALA A 348 7.18 -22.81 17.63
C ALA A 348 8.16 -21.73 18.09
N GLU A 349 8.37 -21.63 19.40
CA GLU A 349 9.22 -20.58 19.97
C GLU A 349 10.68 -20.62 19.49
N SER A 350 11.21 -21.82 19.30
CA SER A 350 12.55 -22.01 18.77
C SER A 350 12.63 -21.58 17.30
N ILE A 351 11.54 -21.82 16.57
CA ILE A 351 11.48 -21.46 15.15
C ILE A 351 11.27 -19.96 14.99
N TYR A 352 10.29 -19.42 15.72
CA TYR A 352 10.05 -17.99 15.75
C TYR A 352 11.34 -17.23 16.04
N SER A 353 12.11 -17.75 16.97
CA SER A 353 13.35 -17.13 17.45
C SER A 353 14.46 -17.03 16.40
N VAL A 354 14.72 -18.11 15.67
CA VAL A 354 15.74 -18.04 14.60
C VAL A 354 15.30 -17.05 13.50
N MET A 355 14.02 -17.09 13.16
CA MET A 355 13.44 -16.21 12.14
C MET A 355 13.53 -14.73 12.50
N GLN A 356 13.25 -14.42 13.77
CA GLN A 356 13.39 -13.06 14.28
C GLN A 356 14.85 -12.61 14.24
N GLN A 357 15.73 -13.53 14.63
CA GLN A 357 17.17 -13.31 14.67
C GLN A 357 17.82 -13.05 13.32
N VAL A 358 17.34 -13.72 12.27
CA VAL A 358 17.88 -13.50 10.91
C VAL A 358 17.17 -12.35 10.19
N GLY A 359 16.28 -11.68 10.91
CA GLY A 359 15.65 -10.45 10.43
C GLY A 359 14.33 -10.57 9.68
N LEU A 360 13.74 -11.76 9.64
CA LEU A 360 12.43 -11.90 8.98
C LEU A 360 11.34 -11.22 9.79
N GLY A 361 10.58 -10.35 9.13
CA GLY A 361 9.54 -9.56 9.80
C GLY A 361 10.08 -8.45 10.68
N GLN A 362 11.35 -8.10 10.50
CA GLN A 362 12.02 -7.08 11.33
C GLN A 362 12.44 -5.87 10.51
N ASP A 363 12.37 -4.69 11.10
CA ASP A 363 12.85 -3.46 10.47
C ASP A 363 14.29 -3.63 9.99
N THR A 364 14.55 -3.28 8.74
CA THR A 364 15.87 -3.45 8.16
C THR A 364 16.78 -2.27 8.48
N GLY A 365 16.18 -1.15 8.85
CA GLY A 365 16.93 0.08 9.14
C GLY A 365 17.45 0.81 7.91
N LEU A 366 16.88 0.49 6.75
CA LEU A 366 17.35 1.11 5.50
C LEU A 366 16.67 2.45 5.24
N GLY A 367 15.41 2.57 5.64
CA GLY A 367 14.67 3.82 5.46
C GLY A 367 14.38 4.13 4.00
N PHE A 368 14.22 3.08 3.20
CA PHE A 368 13.80 3.25 1.83
C PHE A 368 12.31 3.58 1.85
N PRO A 369 11.90 4.63 1.11
CA PRO A 369 10.49 5.09 1.14
C PRO A 369 9.52 3.97 0.80
N GLY A 370 8.53 3.74 1.67
CA GLY A 370 7.49 2.73 1.41
C GLY A 370 7.84 1.33 1.88
N GLU A 371 9.09 1.13 2.28
CA GLU A 371 9.59 -0.19 2.69
C GLU A 371 8.67 -0.80 3.75
N ARG A 372 8.42 -2.11 3.63
CA ARG A 372 7.56 -2.82 4.59
C ARG A 372 8.40 -3.63 5.54
N VAL A 373 7.93 -3.75 6.77
CA VAL A 373 8.56 -4.59 7.78
C VAL A 373 8.14 -6.05 7.62
N GLY A 374 6.93 -6.27 7.13
CA GLY A 374 6.36 -7.60 7.09
C GLY A 374 5.82 -8.02 8.45
N ASN A 375 5.48 -9.29 8.60
CA ASN A 375 4.82 -9.75 9.81
C ASN A 375 5.29 -11.14 10.22
N LEU A 376 5.90 -11.22 11.41
CA LEU A 376 6.23 -12.52 11.99
C LEU A 376 5.33 -12.69 13.22
N PRO A 377 4.23 -13.46 13.09
CA PRO A 377 3.18 -13.55 14.13
C PRO A 377 3.69 -14.04 15.48
N ASN A 378 3.27 -13.37 16.53
CA ASN A 378 3.59 -13.81 17.89
C ASN A 378 2.31 -14.19 18.61
N HIS A 379 2.25 -15.43 19.07
CA HIS A 379 1.03 -15.95 19.69
C HIS A 379 1.19 -16.23 21.18
N ARG A 380 0.06 -16.18 21.89
CA ARG A 380 0.01 -16.54 23.30
C ARG A 380 0.33 -18.03 23.44
N LYS A 381 -0.46 -18.86 22.76
CA LYS A 381 -0.19 -20.29 22.65
C LYS A 381 -0.21 -20.71 21.19
N TRP A 382 0.66 -21.65 20.83
CA TRP A 382 0.76 -22.12 19.46
C TRP A 382 0.15 -23.50 19.24
N PRO A 383 -1.06 -23.57 18.65
CA PRO A 383 -1.61 -24.87 18.24
C PRO A 383 -0.70 -25.55 17.22
N LYS A 384 -0.90 -26.85 17.00
CA LYS A 384 -0.10 -27.60 16.03
C LYS A 384 -0.16 -26.99 14.63
N ALA A 385 -1.35 -26.60 14.20
CA ALA A 385 -1.57 -25.99 12.89
C ALA A 385 -0.65 -24.80 12.60
N GLU A 386 -0.67 -23.81 13.49
CA GLU A 386 0.14 -22.59 13.35
C GLU A 386 1.63 -22.87 13.50
N THR A 387 1.98 -23.82 14.36
CA THR A 387 3.36 -24.28 14.53
C THR A 387 3.89 -24.88 13.21
N ALA A 388 3.10 -25.76 12.59
CA ALA A 388 3.50 -26.42 11.35
C ALA A 388 3.66 -25.42 10.18
N THR A 389 2.63 -24.61 9.95
CA THR A 389 2.64 -23.65 8.83
C THR A 389 3.73 -22.59 8.96
N LEU A 390 4.01 -22.16 10.19
CA LEU A 390 5.14 -21.27 10.41
C LEU A 390 6.43 -21.91 9.92
N ALA A 391 6.64 -23.18 10.30
CA ALA A 391 7.87 -23.93 9.98
C ALA A 391 8.07 -24.14 8.49
N TYR A 392 6.98 -24.30 7.75
CA TYR A 392 7.09 -24.36 6.29
C TYR A 392 6.66 -23.09 5.55
N GLY A 393 6.59 -21.96 6.26
CA GLY A 393 6.62 -20.63 5.63
C GLY A 393 5.32 -19.98 5.22
N TYR A 394 4.22 -20.37 5.85
CA TYR A 394 2.96 -19.64 5.65
C TYR A 394 2.47 -19.04 6.96
N GLY A 395 1.71 -17.96 6.87
CA GLY A 395 1.25 -17.24 8.06
C GLY A 395 2.23 -16.17 8.50
N LEU A 396 3.37 -16.07 7.82
CA LEU A 396 4.30 -14.95 7.99
C LEU A 396 4.49 -14.27 6.64
N SER A 397 4.87 -13.00 6.66
CA SER A 397 5.13 -12.25 5.43
C SER A 397 6.42 -11.48 5.52
N VAL A 398 7.20 -11.55 4.44
CA VAL A 398 8.53 -10.97 4.37
C VAL A 398 8.67 -10.21 3.05
N THR A 399 9.73 -9.41 2.94
CA THR A 399 10.11 -8.82 1.67
C THR A 399 11.28 -9.60 1.09
N ALA A 400 11.52 -9.40 -0.20
CA ALA A 400 12.61 -10.06 -0.89
C ALA A 400 13.97 -9.65 -0.31
N ILE A 401 14.09 -8.38 0.08
CA ILE A 401 15.30 -7.88 0.76
C ILE A 401 15.55 -8.60 2.08
N GLN A 402 14.47 -8.82 2.86
CA GLN A 402 14.60 -9.56 4.14
C GLN A 402 15.01 -11.01 3.95
N LEU A 403 14.41 -11.67 2.96
CA LEU A 403 14.74 -13.05 2.67
C LEU A 403 16.22 -13.17 2.28
N ALA A 404 16.69 -12.26 1.43
CA ALA A 404 18.08 -12.23 0.99
C ALA A 404 19.02 -11.99 2.16
N HIS A 405 18.63 -11.06 3.03
CA HIS A 405 19.38 -10.77 4.25
C HIS A 405 19.47 -11.99 5.16
N ALA A 406 18.38 -12.73 5.26
CA ALA A 406 18.35 -13.94 6.06
C ALA A 406 19.30 -15.00 5.51
N TYR A 407 19.34 -15.15 4.18
CA TYR A 407 20.22 -16.11 3.53
C TYR A 407 21.69 -15.67 3.60
N ALA A 408 21.92 -14.36 3.63
CA ALA A 408 23.27 -13.81 3.84
C ALA A 408 23.82 -14.20 5.20
N ALA A 409 22.97 -14.17 6.22
CA ALA A 409 23.33 -14.55 7.59
C ALA A 409 23.80 -15.99 7.62
N LEU A 410 23.03 -16.88 6.98
CA LEU A 410 23.38 -18.28 6.89
C LEU A 410 24.71 -18.49 6.13
N ALA A 411 24.84 -17.79 5.01
CA ALA A 411 26.03 -17.87 4.15
C ALA A 411 27.30 -17.36 4.85
N ASN A 412 27.12 -16.32 5.67
CA ASN A 412 28.23 -15.68 6.36
C ASN A 412 28.52 -16.36 7.69
N ASP A 413 28.44 -17.70 7.68
CA ASP A 413 28.70 -18.56 8.84
C ASP A 413 27.90 -18.17 10.08
N GLY A 414 26.64 -17.76 9.85
CA GLY A 414 25.71 -17.47 10.93
C GLY A 414 25.80 -16.04 11.45
N LYS A 415 26.69 -15.24 10.86
CA LYS A 415 26.86 -13.84 11.24
C LYS A 415 26.03 -12.91 10.35
N SER A 416 25.09 -12.21 10.98
CA SER A 416 24.22 -11.25 10.32
C SER A 416 24.84 -9.88 10.41
N VAL A 417 24.93 -9.18 9.28
CA VAL A 417 25.43 -7.81 9.23
C VAL A 417 24.33 -6.87 8.73
N PRO A 418 24.30 -5.62 9.24
CA PRO A 418 23.22 -4.70 8.82
C PRO A 418 23.19 -4.50 7.30
N LEU A 419 21.97 -4.38 6.76
CA LEU A 419 21.77 -4.06 5.35
C LEU A 419 22.23 -2.66 5.02
N SER A 420 22.72 -2.47 3.81
CA SER A 420 23.10 -1.12 3.34
C SER A 420 22.75 -0.89 1.87
N MET A 421 22.23 0.29 1.57
CA MET A 421 22.00 0.68 0.19
C MET A 421 23.01 1.71 -0.29
N THR A 422 23.99 2.00 0.57
CA THR A 422 25.09 2.89 0.25
C THR A 422 26.43 2.17 0.39
N ARG A 423 27.40 2.59 -0.40
CA ARG A 423 28.72 1.96 -0.39
C ARG A 423 29.27 1.98 1.03
N VAL A 424 29.65 0.80 1.51
CA VAL A 424 30.24 0.62 2.82
C VAL A 424 31.76 0.71 2.70
N ASP A 425 32.38 1.54 3.55
CA ASP A 425 33.83 1.65 3.59
C ASP A 425 34.46 0.48 4.34
N ARG A 426 34.14 0.35 5.63
CA ARG A 426 34.69 -0.74 6.44
C ARG A 426 33.62 -1.75 6.85
N VAL A 427 33.99 -3.03 6.80
CA VAL A 427 33.10 -4.15 7.13
C VAL A 427 32.44 -3.93 8.50
N PRO A 428 31.10 -3.90 8.56
CA PRO A 428 30.40 -3.65 9.81
C PRO A 428 30.58 -4.80 10.80
N ASP A 429 30.32 -4.52 12.08
CA ASP A 429 30.33 -5.56 13.10
C ASP A 429 29.08 -6.42 12.95
N GLY A 430 29.29 -7.73 12.85
CA GLY A 430 28.18 -8.66 12.72
C GLY A 430 27.67 -9.17 14.05
N VAL A 431 26.46 -9.73 14.03
CA VAL A 431 25.85 -10.37 15.19
C VAL A 431 25.68 -11.86 14.87
N GLN A 432 26.30 -12.71 15.69
CA GLN A 432 26.24 -14.16 15.52
C GLN A 432 24.84 -14.65 15.86
N VAL A 433 24.01 -14.83 14.84
CA VAL A 433 22.61 -15.15 15.04
C VAL A 433 22.31 -16.65 14.95
N ILE A 434 23.22 -17.37 14.29
CA ILE A 434 23.21 -18.83 14.20
C ILE A 434 24.64 -19.25 14.49
N SER A 435 24.83 -20.30 15.29
CA SER A 435 26.18 -20.77 15.60
C SER A 435 26.90 -21.14 14.29
N PRO A 436 28.23 -20.91 14.24
CA PRO A 436 29.03 -21.29 13.08
C PRO A 436 28.83 -22.76 12.71
N GLU A 437 28.71 -23.62 13.72
CA GLU A 437 28.55 -25.06 13.50
C GLU A 437 27.22 -25.39 12.81
N VAL A 438 26.13 -24.87 13.36
CA VAL A 438 24.80 -25.04 12.75
C VAL A 438 24.76 -24.45 11.33
N ALA A 439 25.23 -23.21 11.17
CA ALA A 439 25.33 -22.59 9.84
C ALA A 439 26.12 -23.45 8.86
N SER A 440 27.25 -24.01 9.30
CA SER A 440 28.08 -24.89 8.48
C SER A 440 27.33 -26.14 7.99
N THR A 441 26.61 -26.79 8.89
CA THR A 441 25.79 -27.96 8.55
C THR A 441 24.67 -27.62 7.58
N VAL A 442 23.99 -26.50 7.82
CA VAL A 442 22.86 -26.10 7.00
C VAL A 442 23.36 -25.64 5.61
N GLN A 443 24.52 -24.99 5.54
CA GLN A 443 25.18 -24.69 4.26
C GLN A 443 25.37 -25.97 3.43
N GLY A 444 25.89 -27.01 4.07
CA GLY A 444 26.10 -28.32 3.43
C GLY A 444 24.82 -28.95 2.91
N MET A 445 23.77 -28.92 3.72
CA MET A 445 22.44 -29.42 3.32
C MET A 445 21.90 -28.68 2.09
N LEU A 446 22.08 -27.36 2.07
CA LEU A 446 21.61 -26.53 0.96
C LEU A 446 22.44 -26.69 -0.30
N GLN A 447 23.72 -27.00 -0.13
CA GLN A 447 24.55 -27.41 -1.27
C GLN A 447 24.01 -28.71 -1.87
N GLN A 448 23.61 -29.64 -1.00
CA GLN A 448 23.00 -30.89 -1.42
C GLN A 448 21.65 -30.69 -2.13
N VAL A 449 20.87 -29.69 -1.71
CA VAL A 449 19.57 -29.40 -2.34
C VAL A 449 19.76 -29.03 -3.81
N VAL A 450 20.90 -28.40 -4.11
CA VAL A 450 21.25 -28.00 -5.48
C VAL A 450 21.94 -29.13 -6.25
N GLU A 451 22.89 -29.81 -5.59
CA GLU A 451 23.81 -30.72 -6.27
C GLU A 451 23.45 -32.22 -6.27
N ALA A 452 22.62 -32.65 -5.32
CA ALA A 452 22.34 -34.09 -5.16
C ALA A 452 21.24 -34.56 -6.12
N GLN A 453 21.22 -35.88 -6.38
CA GLN A 453 20.23 -36.47 -7.28
C GLN A 453 18.84 -36.24 -6.70
N GLY A 454 17.91 -35.85 -7.56
CA GLY A 454 16.58 -35.43 -7.12
C GLY A 454 16.52 -33.99 -6.62
N GLY A 455 17.67 -33.32 -6.60
CA GLY A 455 17.76 -31.92 -6.14
C GLY A 455 17.36 -30.91 -7.19
N VAL A 456 17.54 -29.63 -6.88
CA VAL A 456 17.19 -28.53 -7.79
C VAL A 456 18.34 -28.23 -8.76
N PHE A 457 18.51 -29.10 -9.77
CA PHE A 457 19.69 -29.04 -10.65
C PHE A 457 19.76 -27.81 -11.56
N ARG A 458 18.60 -27.22 -11.84
CA ARG A 458 18.55 -25.99 -12.64
C ARG A 458 19.21 -24.81 -11.92
N ALA A 459 19.45 -24.95 -10.62
CA ALA A 459 20.12 -23.90 -9.85
C ALA A 459 21.64 -24.05 -9.80
N GLN A 460 22.16 -25.12 -10.42
CA GLN A 460 23.61 -25.31 -10.50
C GLN A 460 24.28 -24.20 -11.28
N VAL A 461 25.41 -23.73 -10.75
CA VAL A 461 26.14 -22.63 -11.33
C VAL A 461 27.44 -23.16 -11.94
N PRO A 462 27.62 -23.00 -13.28
CA PRO A 462 28.83 -23.50 -13.97
C PRO A 462 30.13 -22.98 -13.38
N GLY A 463 31.01 -23.90 -12.98
CA GLY A 463 32.29 -23.55 -12.38
C GLY A 463 32.29 -23.41 -10.87
N TYR A 464 31.10 -23.42 -10.27
CA TYR A 464 30.97 -23.16 -8.85
C TYR A 464 30.13 -24.18 -8.11
N HIS A 465 30.33 -24.25 -6.79
CA HIS A 465 29.40 -24.96 -5.93
C HIS A 465 28.46 -23.92 -5.37
N ALA A 466 27.17 -24.12 -5.59
CA ALA A 466 26.16 -23.22 -5.06
C ALA A 466 25.33 -23.98 -4.05
N ALA A 467 24.57 -23.23 -3.25
CA ALA A 467 23.66 -23.79 -2.28
C ALA A 467 22.39 -22.96 -2.30
N GLY A 468 21.25 -23.57 -2.01
CA GLY A 468 20.02 -22.80 -1.99
C GLY A 468 18.81 -23.65 -1.75
N LYS A 469 17.64 -23.01 -1.78
CA LYS A 469 16.37 -23.66 -1.53
C LYS A 469 15.28 -23.03 -2.40
N SER A 470 14.49 -23.87 -3.06
CA SER A 470 13.36 -23.42 -3.86
C SER A 470 12.09 -23.32 -3.01
N GLY A 471 11.11 -22.59 -3.52
CA GLY A 471 9.80 -22.57 -2.89
C GLY A 471 8.76 -22.28 -3.94
N THR A 472 7.55 -22.73 -3.68
CA THR A 472 6.42 -22.46 -4.52
C THR A 472 5.26 -22.20 -3.57
N ALA A 473 4.56 -21.09 -3.78
CA ALA A 473 3.45 -20.73 -2.90
C ALA A 473 2.23 -20.39 -3.73
N ARG A 474 1.06 -20.83 -3.27
CA ARG A 474 -0.19 -20.34 -3.84
C ARG A 474 -0.34 -18.88 -3.46
N LYS A 475 -0.80 -18.07 -4.41
CA LYS A 475 -1.11 -16.69 -4.13
C LYS A 475 -2.41 -16.61 -3.34
N VAL A 476 -2.52 -15.56 -2.52
CA VAL A 476 -3.69 -15.31 -1.70
C VAL A 476 -4.87 -14.91 -2.60
N SER A 477 -6.08 -15.40 -2.28
CA SER A 477 -7.29 -15.00 -2.99
C SER A 477 -7.51 -13.49 -2.89
N VAL A 478 -8.09 -12.91 -3.92
CA VAL A 478 -8.32 -11.46 -4.00
C VAL A 478 -9.47 -11.02 -3.09
N GLY A 479 -10.61 -11.68 -3.21
CA GLY A 479 -11.82 -11.22 -2.55
C GLY A 479 -12.33 -12.15 -1.47
N THR A 480 -11.43 -12.97 -0.92
CA THR A 480 -11.76 -13.80 0.23
C THR A 480 -10.51 -14.22 0.99
N LYS A 481 -10.71 -14.98 2.06
CA LYS A 481 -9.61 -15.59 2.79
C LYS A 481 -9.24 -16.90 2.08
N GLY A 482 -7.99 -17.32 2.25
CA GLY A 482 -7.54 -18.55 1.62
C GLY A 482 -6.79 -18.29 0.33
N TYR A 483 -6.67 -19.32 -0.49
CA TYR A 483 -5.73 -19.32 -1.60
C TYR A 483 -6.36 -19.57 -2.96
N ARG A 484 -5.70 -19.02 -3.97
CA ARG A 484 -6.08 -19.25 -5.35
C ARG A 484 -5.68 -20.66 -5.78
N GLU A 485 -6.52 -21.27 -6.63
CA GLU A 485 -6.30 -22.64 -7.08
C GLU A 485 -5.22 -22.78 -8.16
N ASN A 486 -5.12 -21.79 -9.04
CA ASN A 486 -4.22 -21.89 -10.19
C ASN A 486 -3.31 -20.68 -10.39
N ALA A 487 -2.84 -20.08 -9.29
CA ALA A 487 -1.94 -18.92 -9.37
C ALA A 487 -0.87 -19.01 -8.29
N TYR A 488 0.38 -18.80 -8.67
CA TYR A 488 1.48 -19.17 -7.83
C TYR A 488 2.57 -18.13 -7.83
N ARG A 489 3.39 -18.17 -6.78
CA ARG A 489 4.60 -17.40 -6.67
C ARG A 489 5.75 -18.41 -6.63
N SER A 490 6.73 -18.20 -7.51
CA SER A 490 7.89 -19.07 -7.62
C SER A 490 9.11 -18.43 -7.00
N LEU A 491 9.80 -19.18 -6.14
CA LEU A 491 10.92 -18.64 -5.40
C LEU A 491 12.13 -19.53 -5.46
N PHE A 492 13.29 -18.89 -5.47
CA PHE A 492 14.54 -19.55 -5.18
C PHE A 492 15.41 -18.59 -4.41
N ALA A 493 16.02 -19.10 -3.35
CA ALA A 493 16.96 -18.33 -2.53
C ALA A 493 18.24 -19.15 -2.32
N GLY A 494 19.38 -18.52 -2.44
CA GLY A 494 20.62 -19.26 -2.31
C GLY A 494 21.82 -18.36 -2.21
N PHE A 495 23.01 -18.96 -2.24
CA PHE A 495 24.27 -18.23 -2.11
C PHE A 495 25.40 -19.04 -2.72
N ALA A 496 26.51 -18.37 -3.01
CA ALA A 496 27.66 -19.04 -3.62
C ALA A 496 28.90 -18.17 -3.45
N PRO A 497 30.11 -18.77 -3.58
CA PRO A 497 30.38 -20.20 -3.73
C PRO A 497 30.24 -20.89 -2.39
N ALA A 498 30.01 -22.20 -2.39
CA ALA A 498 29.77 -22.94 -1.15
C ALA A 498 31.01 -23.00 -0.25
N THR A 499 32.20 -22.99 -0.86
CA THR A 499 33.46 -23.09 -0.10
C THR A 499 33.84 -21.80 0.63
N ASP A 500 33.40 -20.66 0.10
CA ASP A 500 33.56 -19.37 0.77
C ASP A 500 32.49 -18.40 0.28
N PRO A 501 31.27 -18.50 0.84
CA PRO A 501 30.13 -17.74 0.33
C PRO A 501 30.39 -16.24 0.29
N ARG A 502 30.15 -15.64 -0.87
CA ARG A 502 30.37 -14.22 -1.05
C ARG A 502 29.07 -13.49 -1.28
N ILE A 503 28.14 -14.17 -1.96
CA ILE A 503 26.95 -13.54 -2.52
C ILE A 503 25.69 -14.35 -2.22
N ALA A 504 24.65 -13.66 -1.76
CA ALA A 504 23.33 -14.26 -1.61
C ALA A 504 22.40 -13.65 -2.63
N MET A 505 21.39 -14.40 -3.04
CA MET A 505 20.49 -13.92 -4.07
C MET A 505 19.12 -14.54 -3.86
N VAL A 506 18.09 -13.75 -4.15
CA VAL A 506 16.71 -14.19 -4.05
C VAL A 506 16.01 -13.84 -5.35
N VAL A 507 15.30 -14.80 -5.93
CA VAL A 507 14.54 -14.61 -7.16
C VAL A 507 13.06 -14.92 -6.87
N VAL A 508 12.20 -13.96 -7.12
CA VAL A 508 10.76 -14.16 -6.87
C VAL A 508 10.00 -13.79 -8.14
N ILE A 509 9.14 -14.70 -8.59
CA ILE A 509 8.43 -14.53 -9.86
C ILE A 509 6.95 -14.84 -9.64
N ASP A 510 6.09 -13.87 -9.97
CA ASP A 510 4.64 -13.91 -9.69
C ASP A 510 3.78 -14.34 -10.87
N GLU A 511 2.95 -15.36 -10.65
CA GLU A 511 2.06 -15.90 -11.67
C GLU A 511 2.74 -16.33 -12.98
N PRO A 512 3.80 -17.17 -12.91
CA PRO A 512 4.26 -17.78 -14.17
C PRO A 512 3.13 -18.61 -14.78
N SER A 513 3.01 -18.62 -16.09
CA SER A 513 1.86 -19.27 -16.72
C SER A 513 2.15 -19.99 -18.03
N LYS A 514 3.42 -20.06 -18.45
CA LYS A 514 3.74 -20.59 -19.78
C LYS A 514 4.62 -21.84 -19.82
N ALA A 515 5.41 -22.05 -18.76
CA ALA A 515 6.35 -23.16 -18.69
C ALA A 515 6.52 -23.70 -17.26
N GLY A 516 5.40 -23.83 -16.55
CA GLY A 516 5.42 -24.40 -15.21
C GLY A 516 5.46 -23.33 -14.13
N TYR A 517 5.45 -23.77 -12.88
CA TYR A 517 5.30 -22.84 -11.78
C TYR A 517 6.14 -23.14 -10.53
N PHE A 518 6.74 -24.34 -10.49
CA PHE A 518 7.58 -24.68 -9.35
C PHE A 518 8.80 -23.75 -9.31
N GLY A 519 9.20 -23.37 -8.10
CA GLY A 519 10.39 -22.55 -7.87
C GLY A 519 11.65 -23.11 -8.51
N GLY A 520 11.81 -24.42 -8.46
CA GLY A 520 12.98 -25.08 -9.06
C GLY A 520 12.95 -25.14 -10.59
N LEU A 521 11.78 -24.90 -11.17
CA LEU A 521 11.60 -24.80 -12.63
C LEU A 521 11.75 -23.36 -13.12
N VAL A 522 11.09 -22.43 -12.43
CA VAL A 522 10.95 -21.04 -12.88
C VAL A 522 12.09 -20.12 -12.41
N SER A 523 12.36 -20.11 -11.10
CA SER A 523 13.28 -19.17 -10.50
C SER A 523 14.71 -19.68 -10.40
N ALA A 524 14.88 -20.99 -10.25
CA ALA A 524 16.21 -21.58 -10.13
C ALA A 524 17.16 -21.27 -11.32
N PRO A 525 16.68 -21.41 -12.58
CA PRO A 525 17.50 -21.04 -13.76
C PRO A 525 17.99 -19.59 -13.76
N VAL A 526 17.19 -18.67 -13.22
CA VAL A 526 17.57 -17.27 -13.10
C VAL A 526 18.74 -17.15 -12.13
N PHE A 527 18.60 -17.80 -10.97
CA PHE A 527 19.67 -17.88 -9.97
C PHE A 527 20.97 -18.35 -10.59
N SER A 528 20.89 -19.48 -11.31
CA SER A 528 22.03 -20.06 -12.00
C SER A 528 22.76 -19.06 -12.90
N LYS A 529 22.04 -18.44 -13.83
CA LYS A 529 22.66 -17.54 -14.79
C LYS A 529 23.16 -16.25 -14.14
N VAL A 530 22.36 -15.65 -13.26
CA VAL A 530 22.78 -14.40 -12.64
C VAL A 530 23.96 -14.58 -11.69
N MET A 531 23.94 -15.67 -10.92
CA MET A 531 25.01 -16.02 -9.98
C MET A 531 26.31 -16.26 -10.74
N ALA A 532 26.22 -16.99 -11.85
CA ALA A 532 27.38 -17.24 -12.71
C ALA A 532 28.02 -15.95 -13.17
N GLY A 533 27.22 -15.07 -13.77
CA GLY A 533 27.69 -13.78 -14.26
C GLY A 533 28.22 -12.91 -13.14
N ALA A 534 27.52 -12.92 -12.00
CA ALA A 534 27.88 -12.09 -10.85
C ALA A 534 29.25 -12.48 -10.31
N LEU A 535 29.42 -13.77 -10.01
CA LEU A 535 30.68 -14.31 -9.49
C LEU A 535 31.87 -14.03 -10.42
N ARG A 536 31.65 -14.14 -11.73
CA ARG A 536 32.67 -13.80 -12.73
C ARG A 536 32.99 -12.30 -12.70
N LEU A 537 31.96 -11.47 -12.79
CA LEU A 537 32.12 -10.00 -12.75
C LEU A 537 32.86 -9.53 -11.51
N MET A 538 32.69 -10.24 -10.40
CA MET A 538 33.39 -9.91 -9.15
C MET A 538 34.70 -10.68 -8.97
N ASN A 539 35.15 -11.35 -10.03
CA ASN A 539 36.42 -12.10 -10.04
C ASN A 539 36.58 -13.12 -8.90
N VAL A 540 35.50 -13.84 -8.60
CA VAL A 540 35.56 -14.92 -7.61
C VAL A 540 36.07 -16.19 -8.31
N PRO A 541 37.17 -16.78 -7.81
CA PRO A 541 37.75 -17.96 -8.47
C PRO A 541 36.84 -19.18 -8.39
N PRO A 542 36.67 -19.91 -9.51
CA PRO A 542 35.83 -21.12 -9.57
C PRO A 542 36.27 -22.18 -8.57
N ASP A 543 35.32 -22.76 -7.84
CA ASP A 543 35.62 -23.83 -6.88
C ASP A 543 35.08 -25.20 -7.34
N ASN A 544 34.66 -25.28 -8.60
CA ASN A 544 34.13 -26.50 -9.19
C ASN A 544 34.57 -26.61 -10.65
N LEU A 545 35.88 -26.82 -10.84
CA LEU A 545 36.48 -26.89 -12.18
C LEU A 545 36.04 -28.08 -13.05
N PRO A 546 35.60 -29.20 -12.43
CA PRO A 546 34.95 -30.27 -13.20
C PRO A 546 33.78 -29.84 -14.09
N THR A 547 33.25 -28.64 -13.90
CA THR A 547 32.11 -28.12 -14.67
C THR A 547 32.29 -26.67 -15.16
N ALA A 548 33.54 -26.17 -15.11
CA ALA A 548 33.85 -24.76 -15.40
C ALA A 548 33.68 -24.34 -16.87
N THR A 549 33.98 -23.07 -17.14
CA THR A 549 33.88 -22.51 -18.50
C THR A 549 35.24 -22.09 -19.07
N ALA B 42 -34.24 -20.85 31.20
CA ALA B 42 -34.23 -20.05 29.95
C ALA B 42 -33.68 -20.84 28.75
N ILE B 43 -34.39 -20.77 27.63
CA ILE B 43 -33.96 -21.43 26.39
C ILE B 43 -33.43 -20.36 25.42
N PRO B 44 -32.16 -20.49 24.99
CA PRO B 44 -31.51 -19.48 24.15
C PRO B 44 -32.10 -19.38 22.75
N ALA B 45 -32.50 -18.17 22.36
CA ALA B 45 -33.00 -17.89 21.01
C ALA B 45 -31.86 -17.69 20.03
N HIS B 46 -32.10 -18.07 18.77
CA HIS B 46 -31.09 -17.93 17.74
C HIS B 46 -31.03 -16.48 17.27
N ARG B 47 -29.86 -15.86 17.41
CA ARG B 47 -29.69 -14.50 16.90
C ARG B 47 -29.63 -14.53 15.37
N GLY B 48 -30.29 -13.55 14.74
CA GLY B 48 -30.33 -13.45 13.30
C GLY B 48 -28.97 -13.40 12.64
N LEU B 49 -28.88 -14.00 11.46
CA LEU B 49 -27.65 -14.03 10.68
C LEU B 49 -27.44 -12.69 10.00
N ILE B 50 -26.21 -12.19 10.05
CA ILE B 50 -25.85 -11.04 9.23
C ILE B 50 -25.05 -11.55 8.03
N THR B 51 -25.50 -11.18 6.82
CA THR B 51 -24.77 -11.52 5.60
C THR B 51 -24.38 -10.26 4.84
N ASP B 52 -23.51 -10.42 3.85
CA ASP B 52 -23.26 -9.33 2.92
C ASP B 52 -24.39 -9.33 1.89
N ARG B 53 -24.26 -8.56 0.81
CA ARG B 53 -25.34 -8.44 -0.19
C ARG B 53 -25.65 -9.74 -0.93
N ASN B 54 -24.69 -10.66 -0.92
CA ASN B 54 -24.77 -11.91 -1.66
C ASN B 54 -24.88 -13.15 -0.77
N GLY B 55 -25.11 -12.93 0.52
CA GLY B 55 -25.36 -14.04 1.44
C GLY B 55 -24.16 -14.58 2.18
N GLU B 56 -22.98 -13.98 1.98
CA GLU B 56 -21.76 -14.41 2.68
C GLU B 56 -21.85 -14.06 4.17
N PRO B 57 -21.87 -15.10 5.04
CA PRO B 57 -21.98 -14.93 6.50
C PRO B 57 -20.99 -13.91 7.08
N LEU B 58 -21.49 -12.96 7.88
CA LEU B 58 -20.66 -11.92 8.49
C LEU B 58 -20.73 -12.00 10.02
N ALA B 59 -21.88 -12.42 10.53
CA ALA B 59 -22.06 -12.68 11.94
C ALA B 59 -23.03 -13.83 12.09
N VAL B 60 -22.63 -14.84 12.85
CA VAL B 60 -23.39 -16.10 12.92
C VAL B 60 -23.42 -16.64 14.35
N SER B 61 -24.60 -17.10 14.77
CA SER B 61 -24.71 -17.80 16.06
C SER B 61 -24.30 -19.26 15.86
N THR B 62 -23.19 -19.65 16.48
CA THR B 62 -22.67 -21.02 16.38
C THR B 62 -22.90 -21.77 17.68
N PRO B 63 -23.52 -22.97 17.61
CA PRO B 63 -23.81 -23.74 18.83
C PRO B 63 -22.55 -24.13 19.59
N VAL B 64 -22.57 -23.92 20.90
CA VAL B 64 -21.50 -24.40 21.79
C VAL B 64 -22.09 -25.11 23.02
N THR B 65 -21.26 -25.89 23.70
CA THR B 65 -21.74 -26.64 24.87
C THR B 65 -21.04 -26.17 26.15
N THR B 66 -21.84 -25.80 27.14
CA THR B 66 -21.34 -25.48 28.47
C THR B 66 -21.61 -26.67 29.40
N LEU B 67 -20.55 -27.13 30.06
CA LEU B 67 -20.65 -28.22 31.03
C LEU B 67 -20.82 -27.66 32.43
N TRP B 68 -21.86 -28.13 33.11
CA TRP B 68 -22.09 -27.73 34.49
C TRP B 68 -22.10 -28.95 35.41
N ALA B 69 -21.95 -28.70 36.71
CA ALA B 69 -21.89 -29.79 37.68
C ALA B 69 -22.79 -29.56 38.88
N ASN B 70 -23.38 -30.65 39.38
CA ASN B 70 -24.06 -30.67 40.66
C ASN B 70 -23.07 -31.23 41.69
N PRO B 71 -22.42 -30.35 42.46
CA PRO B 71 -21.32 -30.75 43.36
C PRO B 71 -21.75 -31.73 44.44
N LYS B 72 -23.03 -31.73 44.79
CA LYS B 72 -23.60 -32.70 45.73
C LYS B 72 -23.50 -34.12 45.18
N GLU B 73 -23.66 -34.26 43.87
CA GLU B 73 -23.49 -35.54 43.19
C GLU B 73 -22.01 -35.86 42.89
N LEU B 74 -21.21 -34.82 42.66
CA LEU B 74 -19.79 -34.98 42.36
C LEU B 74 -18.96 -35.47 43.54
N MET B 75 -19.35 -35.05 44.75
CA MET B 75 -18.68 -35.44 45.98
C MET B 75 -18.82 -36.94 46.26
N THR B 76 -19.81 -37.56 45.64
CA THR B 76 -20.06 -39.00 45.78
C THR B 76 -19.38 -39.81 44.68
N ALA B 77 -18.51 -39.15 43.91
CA ALA B 77 -17.80 -39.82 42.84
C ALA B 77 -16.33 -39.39 42.77
N LYS B 78 -15.83 -38.86 43.89
CA LYS B 78 -14.46 -38.32 44.00
C LYS B 78 -13.39 -39.06 43.19
N GLU B 79 -13.52 -40.37 43.07
CA GLU B 79 -12.52 -41.18 42.35
C GLU B 79 -12.47 -40.93 40.85
N ARG B 80 -13.51 -40.30 40.30
CA ARG B 80 -13.57 -39.95 38.87
C ARG B 80 -12.89 -38.62 38.56
N TRP B 81 -12.71 -37.79 39.59
CA TRP B 81 -12.16 -36.43 39.46
C TRP B 81 -10.88 -36.30 38.63
N PRO B 82 -9.80 -37.03 39.00
CA PRO B 82 -8.55 -36.85 38.26
C PRO B 82 -8.74 -37.00 36.75
N GLN B 83 -9.55 -37.99 36.34
CA GLN B 83 -9.87 -38.25 34.95
C GLN B 83 -10.72 -37.14 34.33
N LEU B 84 -11.71 -36.66 35.09
CA LEU B 84 -12.59 -35.56 34.65
C LEU B 84 -11.82 -34.26 34.53
N ALA B 85 -10.95 -33.99 35.51
CA ALA B 85 -10.10 -32.81 35.50
C ALA B 85 -9.17 -32.80 34.28
N ALA B 86 -8.57 -33.95 34.00
CA ALA B 86 -7.67 -34.11 32.86
C ALA B 86 -8.38 -33.88 31.52
N ALA B 87 -9.60 -34.41 31.41
CA ALA B 87 -10.43 -34.25 30.20
C ALA B 87 -10.90 -32.81 30.01
N LEU B 88 -10.91 -32.05 31.10
CA LEU B 88 -11.22 -30.62 31.07
C LEU B 88 -9.95 -29.78 30.91
N GLY B 89 -8.79 -30.43 30.91
CA GLY B 89 -7.50 -29.74 30.83
C GLY B 89 -7.16 -28.94 32.08
N GLN B 90 -7.94 -29.13 33.14
CA GLN B 90 -7.73 -28.44 34.41
C GLN B 90 -6.87 -29.28 35.35
N ASP B 91 -6.06 -28.61 36.16
CA ASP B 91 -5.17 -29.26 37.12
C ASP B 91 -5.94 -30.05 38.19
N THR B 92 -5.50 -31.28 38.44
CA THR B 92 -6.15 -32.22 39.37
C THR B 92 -6.53 -31.59 40.71
N LYS B 93 -5.53 -31.06 41.42
CA LYS B 93 -5.75 -30.46 42.74
C LYS B 93 -6.58 -29.18 42.68
N LEU B 94 -6.32 -28.34 41.68
CA LEU B 94 -7.07 -27.09 41.52
C LEU B 94 -8.55 -27.36 41.22
N PHE B 95 -8.81 -28.31 40.34
CA PHE B 95 -10.16 -28.78 40.07
C PHE B 95 -10.81 -29.30 41.36
N ALA B 96 -10.06 -30.13 42.10
CA ALA B 96 -10.54 -30.69 43.36
C ALA B 96 -10.87 -29.61 44.37
N ASP B 97 -10.01 -28.59 44.48
CA ASP B 97 -10.25 -27.46 45.37
C ASP B 97 -11.60 -26.81 45.05
N ARG B 98 -11.84 -26.57 43.76
CA ARG B 98 -13.07 -25.93 43.29
C ARG B 98 -14.33 -26.65 43.77
N ILE B 99 -14.43 -27.95 43.46
CA ILE B 99 -15.61 -28.75 43.82
C ILE B 99 -15.85 -28.77 45.33
N GLU B 100 -14.77 -28.92 46.09
CA GLU B 100 -14.84 -28.96 47.55
C GLU B 100 -15.34 -27.64 48.14
N GLN B 101 -14.89 -26.52 47.56
CA GLN B 101 -15.32 -25.19 47.98
C GLN B 101 -16.81 -24.94 47.72
N ASN B 102 -17.35 -25.59 46.69
CA ASN B 102 -18.74 -25.42 46.31
C ASN B 102 -19.60 -26.64 46.63
N ALA B 103 -19.14 -27.45 47.59
CA ALA B 103 -19.87 -28.65 48.03
C ALA B 103 -21.29 -28.33 48.50
N GLU B 104 -21.47 -27.13 49.04
CA GLU B 104 -22.75 -26.64 49.55
C GLU B 104 -23.77 -26.47 48.42
N ARG B 105 -23.31 -25.94 47.30
CA ARG B 105 -24.17 -25.57 46.16
C ARG B 105 -24.74 -26.77 45.39
N GLU B 106 -25.63 -26.49 44.45
CA GLU B 106 -26.22 -27.52 43.58
C GLU B 106 -25.95 -27.22 42.10
N PHE B 107 -25.28 -26.10 41.85
CA PHE B 107 -24.91 -25.69 40.49
C PHE B 107 -23.62 -24.87 40.45
N ILE B 108 -22.67 -25.32 39.64
CA ILE B 108 -21.51 -24.52 39.22
C ILE B 108 -21.13 -24.86 37.77
N TYR B 109 -20.54 -23.89 37.07
CA TYR B 109 -20.01 -24.13 35.73
C TYR B 109 -18.67 -24.84 35.81
N LEU B 110 -18.47 -25.82 34.92
CA LEU B 110 -17.17 -26.47 34.79
C LEU B 110 -16.35 -25.75 33.74
N VAL B 111 -16.90 -25.71 32.53
CA VAL B 111 -16.29 -25.01 31.40
C VAL B 111 -17.39 -24.54 30.47
N ARG B 112 -17.19 -23.38 29.85
CA ARG B 112 -18.16 -22.81 28.92
C ARG B 112 -17.57 -22.72 27.52
N GLY B 113 -18.43 -22.83 26.51
CA GLY B 113 -18.04 -22.58 25.13
C GLY B 113 -17.16 -23.64 24.49
N LEU B 114 -17.46 -24.90 24.78
CA LEU B 114 -16.79 -26.01 24.12
C LEU B 114 -17.50 -26.31 22.81
N THR B 115 -16.78 -26.94 21.88
CA THR B 115 -17.40 -27.49 20.68
C THR B 115 -18.38 -28.57 21.12
N PRO B 116 -19.50 -28.73 20.39
CA PRO B 116 -20.52 -29.73 20.75
C PRO B 116 -19.97 -31.16 20.85
N GLU B 117 -18.96 -31.47 20.05
CA GLU B 117 -18.33 -32.80 20.06
C GLU B 117 -17.45 -33.04 21.29
N GLN B 118 -16.87 -31.97 21.82
CA GLN B 118 -16.08 -32.05 23.05
C GLN B 118 -16.99 -32.24 24.26
N GLY B 119 -18.15 -31.60 24.24
CA GLY B 119 -19.18 -31.77 25.26
C GLY B 119 -19.72 -33.19 25.31
N GLU B 120 -19.88 -33.80 24.14
CA GLU B 120 -20.29 -35.21 24.05
C GLU B 120 -19.20 -36.12 24.58
N GLY B 121 -17.95 -35.76 24.30
CA GLY B 121 -16.78 -36.54 24.72
C GLY B 121 -16.62 -36.64 26.23
N VAL B 122 -16.88 -35.54 26.93
CA VAL B 122 -16.79 -35.52 28.39
C VAL B 122 -17.99 -36.21 29.03
N ILE B 123 -19.17 -35.97 28.48
CA ILE B 123 -20.40 -36.64 28.93
C ILE B 123 -20.33 -38.15 28.64
N ALA B 124 -19.46 -38.52 27.69
CA ALA B 124 -19.19 -39.93 27.38
C ALA B 124 -18.43 -40.65 28.51
N LEU B 125 -17.90 -39.89 29.46
CA LEU B 125 -17.23 -40.47 30.63
C LEU B 125 -18.24 -40.92 31.70
N LYS B 126 -19.47 -40.43 31.58
CA LYS B 126 -20.58 -40.79 32.46
C LYS B 126 -20.23 -40.57 33.93
N VAL B 127 -19.60 -39.43 34.21
CA VAL B 127 -19.28 -39.05 35.59
C VAL B 127 -20.53 -38.45 36.25
N PRO B 128 -20.97 -39.04 37.38
CA PRO B 128 -22.15 -38.56 38.11
C PRO B 128 -22.09 -37.07 38.46
N GLY B 129 -23.23 -36.39 38.33
CA GLY B 129 -23.32 -34.96 38.63
C GLY B 129 -22.73 -34.04 37.58
N VAL B 130 -22.54 -34.57 36.37
CA VAL B 130 -22.00 -33.79 35.25
C VAL B 130 -23.05 -33.75 34.15
N TYR B 131 -23.47 -32.53 33.80
CA TYR B 131 -24.49 -32.34 32.76
C TYR B 131 -24.11 -31.22 31.78
N SER B 132 -24.67 -31.30 30.57
CA SER B 132 -24.38 -30.32 29.52
C SER B 132 -25.60 -29.47 29.16
N ILE B 133 -25.33 -28.21 28.81
CA ILE B 133 -26.37 -27.33 28.27
C ILE B 133 -25.90 -26.72 26.95
N GLU B 134 -26.79 -26.71 25.95
CA GLU B 134 -26.45 -26.17 24.64
C GLU B 134 -26.61 -24.65 24.63
N GLU B 135 -25.58 -23.95 24.15
CA GLU B 135 -25.61 -22.49 24.06
C GLU B 135 -25.16 -22.01 22.69
N PHE B 136 -25.23 -20.69 22.48
CA PHE B 136 -24.75 -20.08 21.24
C PHE B 136 -23.58 -19.13 21.48
N ARG B 137 -22.67 -19.08 20.51
CA ARG B 137 -21.55 -18.14 20.51
C ARG B 137 -21.57 -17.37 19.19
N ARG B 138 -21.65 -16.05 19.28
CA ARG B 138 -21.62 -15.21 18.10
C ARG B 138 -20.24 -15.30 17.47
N PHE B 139 -20.20 -15.66 16.18
CA PHE B 139 -18.94 -15.79 15.47
C PHE B 139 -18.92 -14.84 14.27
N TYR B 140 -17.75 -14.25 14.00
CA TYR B 140 -17.56 -13.33 12.87
C TYR B 140 -16.54 -13.90 11.89
N PRO B 141 -17.00 -14.55 10.80
CA PRO B 141 -16.10 -15.28 9.89
C PRO B 141 -15.05 -14.44 9.19
N ALA B 142 -15.34 -13.17 8.95
CA ALA B 142 -14.38 -12.28 8.30
C ALA B 142 -13.49 -11.55 9.29
N GLY B 143 -13.82 -11.65 10.58
CA GLY B 143 -13.04 -10.99 11.65
C GLY B 143 -12.79 -9.49 11.45
N GLU B 144 -11.52 -9.10 11.44
CA GLU B 144 -11.11 -7.70 11.35
C GLU B 144 -11.56 -6.97 10.06
N VAL B 145 -11.76 -7.75 9.00
CA VAL B 145 -12.04 -7.24 7.65
C VAL B 145 -13.32 -6.38 7.63
N VAL B 146 -14.29 -6.73 8.45
CA VAL B 146 -15.55 -6.02 8.47
C VAL B 146 -16.02 -5.68 9.91
N ALA B 147 -15.06 -5.60 10.83
CA ALA B 147 -15.32 -5.41 12.27
C ALA B 147 -16.02 -4.11 12.59
N HIS B 148 -15.61 -3.03 11.91
CA HIS B 148 -16.15 -1.72 12.14
C HIS B 148 -17.62 -1.59 11.71
N ALA B 149 -17.96 -2.13 10.54
CA ALA B 149 -19.36 -2.12 10.09
C ALA B 149 -20.25 -3.00 10.96
N VAL B 150 -19.83 -4.25 11.13
CA VAL B 150 -20.59 -5.27 11.86
C VAL B 150 -20.66 -5.02 13.37
N GLY B 151 -19.53 -4.68 13.98
CA GLY B 151 -19.48 -4.52 15.42
C GLY B 151 -19.59 -5.86 16.11
N PHE B 152 -20.11 -5.86 17.34
CA PHE B 152 -20.21 -7.10 18.12
C PHE B 152 -21.28 -7.08 19.22
N THR B 153 -21.55 -8.28 19.76
CA THR B 153 -22.43 -8.45 20.92
C THR B 153 -21.63 -8.62 22.19
N ASP B 154 -22.22 -8.23 23.32
CA ASP B 154 -21.60 -8.45 24.63
C ASP B 154 -21.85 -9.88 25.15
N VAL B 155 -21.42 -10.16 26.38
CA VAL B 155 -21.59 -11.48 27.00
C VAL B 155 -23.04 -11.98 27.08
N ASP B 156 -23.99 -11.07 27.20
CA ASP B 156 -25.43 -11.39 27.22
C ASP B 156 -26.06 -11.41 25.83
N ASP B 157 -25.20 -11.37 24.80
CA ASP B 157 -25.61 -11.40 23.39
C ASP B 157 -26.54 -10.25 22.95
N ARG B 158 -26.40 -9.08 23.56
CA ARG B 158 -27.03 -7.87 23.01
C ARG B 158 -25.98 -7.10 22.21
N GLY B 159 -26.42 -6.48 21.12
CA GLY B 159 -25.55 -5.66 20.27
C GLY B 159 -24.91 -4.52 21.06
N ARG B 160 -23.61 -4.33 20.86
CA ARG B 160 -22.86 -3.36 21.63
C ARG B 160 -22.22 -2.29 20.74
N GLU B 161 -21.85 -2.70 19.53
CA GLU B 161 -21.23 -1.81 18.55
C GLU B 161 -21.85 -2.06 17.16
N GLY B 162 -21.68 -1.08 16.27
CA GLY B 162 -21.95 -1.27 14.85
C GLY B 162 -23.36 -1.71 14.52
N ILE B 163 -23.47 -2.49 13.44
CA ILE B 163 -24.76 -2.98 12.97
C ILE B 163 -25.43 -3.90 14.00
N GLU B 164 -24.61 -4.64 14.75
CA GLU B 164 -25.12 -5.50 15.83
C GLU B 164 -25.94 -4.67 16.82
N LEU B 165 -25.45 -3.47 17.14
CA LEU B 165 -26.20 -2.54 17.97
C LEU B 165 -27.37 -1.91 17.20
N ALA B 166 -27.10 -1.32 16.03
CA ALA B 166 -28.14 -0.57 15.30
C ALA B 166 -29.37 -1.39 14.94
N PHE B 167 -29.17 -2.69 14.71
CA PHE B 167 -30.26 -3.56 14.30
C PHE B 167 -30.57 -4.64 15.33
N ASP B 168 -30.22 -4.38 16.59
CA ASP B 168 -30.40 -5.33 17.68
C ASP B 168 -31.82 -5.89 17.75
N GLU B 169 -32.82 -5.01 17.67
CA GLU B 169 -34.23 -5.42 17.73
C GLU B 169 -34.62 -6.41 16.63
N TRP B 170 -34.09 -6.18 15.43
CA TRP B 170 -34.33 -7.03 14.27
C TRP B 170 -33.64 -8.38 14.46
N LEU B 171 -32.38 -8.32 14.85
CA LEU B 171 -31.53 -9.51 15.00
C LEU B 171 -31.80 -10.34 16.26
N ALA B 172 -32.33 -9.71 17.31
CA ALA B 172 -32.66 -10.40 18.55
C ALA B 172 -33.85 -11.33 18.38
N GLY B 173 -33.70 -12.55 18.87
CA GLY B 173 -34.82 -13.48 19.00
C GLY B 173 -35.33 -13.48 20.43
N VAL B 174 -36.59 -13.87 20.62
CA VAL B 174 -37.15 -13.97 21.95
C VAL B 174 -36.92 -15.36 22.55
N PRO B 175 -36.18 -15.44 23.67
CA PRO B 175 -35.85 -16.72 24.33
C PRO B 175 -37.06 -17.40 24.96
N GLY B 176 -36.93 -18.69 25.25
CA GLY B 176 -38.02 -19.46 25.84
C GLY B 176 -37.76 -19.92 27.26
N LYS B 177 -38.69 -20.72 27.80
CA LYS B 177 -38.55 -21.36 29.11
C LYS B 177 -39.17 -22.75 29.08
N ARG B 178 -38.57 -23.69 29.83
CA ARG B 178 -39.09 -25.06 29.93
C ARG B 178 -39.11 -25.58 31.36
N LYS B 196 -43.44 -21.26 26.67
CA LYS B 196 -42.62 -20.18 26.13
C LYS B 196 -41.58 -20.75 25.15
N ASN B 197 -41.79 -20.48 23.87
CA ASN B 197 -40.90 -20.96 22.80
C ASN B 197 -39.84 -19.95 22.38
N ALA B 198 -38.65 -20.46 22.08
CA ALA B 198 -37.54 -19.63 21.61
C ALA B 198 -37.67 -19.33 20.12
N LYS B 199 -38.05 -18.11 19.78
CA LYS B 199 -38.14 -17.66 18.39
C LYS B 199 -36.80 -17.08 17.92
N PRO B 200 -36.38 -17.42 16.69
CA PRO B 200 -35.10 -16.93 16.17
C PRO B 200 -35.16 -15.46 15.75
N GLY B 201 -33.99 -14.82 15.69
CA GLY B 201 -33.87 -13.46 15.18
C GLY B 201 -33.93 -13.46 13.66
N LYS B 202 -34.07 -12.29 13.06
CA LYS B 202 -34.22 -12.18 11.62
C LYS B 202 -32.89 -11.98 10.90
N THR B 203 -32.81 -12.50 9.68
CA THR B 203 -31.63 -12.33 8.83
C THR B 203 -31.56 -10.89 8.30
N LEU B 204 -30.35 -10.38 8.18
CA LEU B 204 -30.10 -9.06 7.66
C LEU B 204 -29.01 -9.10 6.60
N ALA B 205 -29.34 -8.62 5.41
CA ALA B 205 -28.36 -8.54 4.33
C ALA B 205 -27.83 -7.12 4.19
N LEU B 206 -26.54 -6.95 4.46
CA LEU B 206 -25.88 -5.64 4.32
C LEU B 206 -25.63 -5.31 2.85
N SER B 207 -25.36 -4.04 2.57
CA SER B 207 -25.05 -3.62 1.20
C SER B 207 -23.62 -4.00 0.78
N ILE B 208 -22.77 -4.28 1.77
CA ILE B 208 -21.37 -4.61 1.54
C ILE B 208 -21.25 -5.84 0.64
N ASP B 209 -20.33 -5.76 -0.32
CA ASP B 209 -19.89 -6.93 -1.05
C ASP B 209 -18.59 -7.35 -0.39
N LEU B 210 -18.61 -8.50 0.29
CA LEU B 210 -17.43 -8.98 1.03
C LEU B 210 -16.18 -9.11 0.16
N ARG B 211 -16.36 -9.44 -1.11
CA ARG B 211 -15.24 -9.53 -2.04
C ARG B 211 -14.54 -8.18 -2.19
N LEU B 212 -15.33 -7.11 -2.30
CA LEU B 212 -14.80 -5.75 -2.37
C LEU B 212 -14.22 -5.26 -1.03
N GLN B 213 -14.85 -5.67 0.07
CA GLN B 213 -14.41 -5.37 1.41
C GLN B 213 -13.01 -5.96 1.67
N TYR B 214 -12.79 -7.21 1.25
CA TYR B 214 -11.49 -7.87 1.42
C TYR B 214 -10.40 -7.10 0.69
N LEU B 215 -10.69 -6.76 -0.57
CA LEU B 215 -9.76 -5.97 -1.40
C LEU B 215 -9.49 -4.58 -0.77
N ALA B 216 -10.56 -3.87 -0.45
CA ALA B 216 -10.44 -2.55 0.19
C ALA B 216 -9.63 -2.60 1.48
N HIS B 217 -9.93 -3.57 2.36
CA HIS B 217 -9.21 -3.75 3.62
C HIS B 217 -7.72 -3.99 3.39
N ARG B 218 -7.40 -4.95 2.54
CA ARG B 218 -6.02 -5.31 2.28
C ARG B 218 -5.21 -4.14 1.71
N GLU B 219 -5.77 -3.43 0.74
CA GLU B 219 -5.07 -2.32 0.08
C GLU B 219 -4.90 -1.11 1.00
N LEU B 220 -5.94 -0.79 1.78
CA LEU B 220 -5.83 0.28 2.78
C LEU B 220 -4.77 -0.07 3.82
N ARG B 221 -4.75 -1.32 4.28
CA ARG B 221 -3.74 -1.78 5.23
C ARG B 221 -2.34 -1.66 4.66
N ASN B 222 -2.16 -2.14 3.43
CA ASN B 222 -0.90 -2.02 2.71
C ASN B 222 -0.45 -0.56 2.63
N ALA B 223 -1.37 0.32 2.24
CA ALA B 223 -1.05 1.74 2.09
C ALA B 223 -0.69 2.38 3.42
N LEU B 224 -1.47 2.04 4.46
CA LEU B 224 -1.15 2.47 5.83
C LEU B 224 0.28 2.10 6.23
N LEU B 225 0.64 0.85 5.95
CA LEU B 225 1.93 0.30 6.36
C LEU B 225 3.10 0.87 5.52
N GLU B 226 2.95 0.91 4.21
CA GLU B 226 3.97 1.52 3.34
C GLU B 226 4.28 2.98 3.69
N ASN B 227 3.23 3.73 4.04
CA ASN B 227 3.38 5.16 4.32
C ASN B 227 3.69 5.51 5.78
N GLY B 228 3.64 4.52 6.67
CA GLY B 228 3.84 4.73 8.11
C GLY B 228 2.77 5.66 8.68
N ALA B 229 1.55 5.48 8.20
CA ALA B 229 0.44 6.35 8.57
C ALA B 229 -0.19 5.88 9.88
N LYS B 230 -0.92 6.78 10.54
CA LYS B 230 -1.56 6.48 11.82
C LYS B 230 -2.96 5.88 11.67
N ALA B 231 -3.71 6.33 10.67
CA ALA B 231 -5.08 5.83 10.46
C ALA B 231 -5.50 6.08 9.04
N GLY B 232 -6.64 5.52 8.67
CA GLY B 232 -7.15 5.67 7.32
C GLY B 232 -8.55 5.15 7.18
N SER B 233 -9.24 5.59 6.13
CA SER B 233 -10.57 5.07 5.80
C SER B 233 -10.69 4.87 4.30
N LEU B 234 -11.58 3.96 3.89
CA LEU B 234 -11.91 3.77 2.50
C LEU B 234 -13.38 3.39 2.36
N VAL B 235 -14.11 4.17 1.56
CA VAL B 235 -15.53 3.91 1.30
C VAL B 235 -15.72 3.69 -0.20
N ILE B 236 -16.47 2.65 -0.55
CA ILE B 236 -16.88 2.39 -1.93
C ILE B 236 -18.39 2.39 -1.98
N MET B 237 -18.93 3.11 -2.95
CA MET B 237 -20.37 3.29 -3.09
C MET B 237 -20.84 3.01 -4.50
N ASP B 238 -22.03 2.40 -4.58
CA ASP B 238 -22.75 2.25 -5.84
C ASP B 238 -23.47 3.56 -6.13
N VAL B 239 -23.05 4.25 -7.19
CA VAL B 239 -23.59 5.59 -7.47
C VAL B 239 -25.08 5.62 -7.88
N LYS B 240 -25.59 4.48 -8.35
CA LYS B 240 -26.96 4.43 -8.84
C LYS B 240 -27.96 3.98 -7.78
N THR B 241 -27.49 3.19 -6.82
CA THR B 241 -28.38 2.59 -5.84
C THR B 241 -28.21 3.21 -4.44
N GLY B 242 -27.07 3.87 -4.23
CA GLY B 242 -26.73 4.44 -2.92
C GLY B 242 -26.17 3.44 -1.92
N GLU B 243 -25.91 2.21 -2.39
CA GLU B 243 -25.43 1.16 -1.51
C GLU B 243 -23.96 1.35 -1.19
N ILE B 244 -23.63 1.17 0.09
CA ILE B 244 -22.26 1.12 0.55
C ILE B 244 -21.69 -0.29 0.30
N LEU B 245 -20.81 -0.41 -0.68
CA LEU B 245 -20.25 -1.71 -1.07
C LEU B 245 -19.03 -2.12 -0.28
N ALA B 246 -18.26 -1.15 0.18
CA ALA B 246 -17.15 -1.40 1.08
C ALA B 246 -16.94 -0.24 2.04
N MET B 247 -16.52 -0.59 3.25
CA MET B 247 -16.26 0.41 4.28
C MET B 247 -15.26 -0.15 5.28
N THR B 248 -14.02 0.31 5.17
CA THR B 248 -12.93 -0.26 5.97
C THR B 248 -12.19 0.89 6.59
N ASN B 249 -11.57 0.63 7.75
CA ASN B 249 -10.75 1.61 8.46
C ASN B 249 -9.53 0.92 9.07
N GLN B 250 -8.48 1.70 9.24
CA GLN B 250 -7.32 1.31 10.02
C GLN B 250 -7.13 2.36 11.12
N PRO B 251 -6.76 1.95 12.34
CA PRO B 251 -6.51 0.58 12.80
C PRO B 251 -7.81 -0.22 12.93
N THR B 252 -7.69 -1.55 12.92
CA THR B 252 -8.86 -2.38 13.17
C THR B 252 -8.63 -3.38 14.28
N TYR B 253 -9.55 -4.32 14.45
CA TYR B 253 -9.42 -5.29 15.53
C TYR B 253 -10.17 -6.56 15.17
N ASN B 254 -9.81 -7.64 15.85
CA ASN B 254 -10.47 -8.92 15.67
C ASN B 254 -11.59 -9.04 16.69
N PRO B 255 -12.85 -8.93 16.24
CA PRO B 255 -13.99 -9.01 17.14
C PRO B 255 -14.14 -10.39 17.80
N ASN B 256 -13.47 -11.41 17.24
CA ASN B 256 -13.53 -12.77 17.80
C ASN B 256 -12.62 -12.97 18.98
N ASN B 257 -11.57 -12.15 19.07
CA ASN B 257 -10.64 -12.19 20.18
C ASN B 257 -10.33 -10.77 20.61
N ARG B 258 -11.08 -10.29 21.60
CA ARG B 258 -10.97 -8.89 21.99
C ARG B 258 -10.13 -8.70 23.26
N ARG B 259 -9.38 -9.75 23.63
CA ARG B 259 -8.57 -9.79 24.84
C ARG B 259 -7.78 -8.50 25.10
N ASN B 260 -6.95 -8.10 24.14
CA ASN B 260 -6.10 -6.92 24.31
C ASN B 260 -6.58 -5.67 23.57
N LEU B 261 -7.91 -5.59 23.38
CA LEU B 261 -8.52 -4.54 22.58
C LEU B 261 -8.32 -3.15 23.19
N GLN B 262 -7.78 -2.23 22.38
CA GLN B 262 -7.67 -0.82 22.76
C GLN B 262 -8.79 -0.03 22.07
N PRO B 263 -9.37 0.95 22.79
CA PRO B 263 -10.51 1.74 22.29
C PRO B 263 -10.33 2.39 20.90
N ALA B 264 -9.12 2.86 20.60
CA ALA B 264 -8.90 3.57 19.33
C ALA B 264 -9.19 2.69 18.11
N ALA B 265 -8.92 1.39 18.24
CA ALA B 265 -9.08 0.45 17.12
C ALA B 265 -10.53 0.07 16.83
N MET B 266 -11.45 0.46 17.71
CA MET B 266 -12.87 0.09 17.55
C MET B 266 -13.67 1.03 16.64
N ARG B 267 -13.07 2.16 16.27
CA ARG B 267 -13.77 3.25 15.60
C ARG B 267 -14.04 3.00 14.10
N ASN B 268 -15.32 3.03 13.72
CA ASN B 268 -15.70 3.11 12.31
C ASN B 268 -15.50 4.54 11.82
N ARG B 269 -14.23 4.91 11.68
CA ARG B 269 -13.82 6.28 11.38
C ARG B 269 -14.54 6.87 10.17
N ALA B 270 -14.85 6.02 9.19
CA ALA B 270 -15.51 6.46 7.95
C ALA B 270 -16.84 7.14 8.24
N MET B 271 -17.46 6.76 9.35
CA MET B 271 -18.78 7.30 9.70
C MET B 271 -18.79 8.24 10.89
N ILE B 272 -17.81 8.09 11.78
CA ILE B 272 -17.86 8.74 13.08
C ILE B 272 -16.75 9.77 13.29
N ASP B 273 -15.76 9.80 12.41
CA ASP B 273 -14.74 10.85 12.45
C ASP B 273 -14.96 11.88 11.35
N VAL B 274 -14.83 13.15 11.70
CA VAL B 274 -14.98 14.22 10.73
C VAL B 274 -13.61 14.84 10.39
N PHE B 275 -13.53 15.43 9.20
CA PHE B 275 -12.31 16.09 8.73
C PHE B 275 -12.66 17.23 7.78
N GLU B 276 -11.72 18.14 7.59
CA GLU B 276 -11.82 19.17 6.56
C GLU B 276 -11.46 18.52 5.23
N PRO B 277 -12.40 18.56 4.25
CA PRO B 277 -12.23 17.87 2.97
C PRO B 277 -11.19 18.49 2.03
N GLY B 278 -10.87 19.77 2.23
CA GLY B 278 -9.85 20.43 1.44
C GLY B 278 -10.21 20.49 -0.03
N SER B 279 -9.22 20.29 -0.88
CA SER B 279 -9.40 20.43 -2.34
C SER B 279 -10.43 19.49 -2.95
N THR B 280 -10.79 18.42 -2.25
CA THR B 280 -11.80 17.49 -2.76
C THR B 280 -13.20 18.12 -2.90
N VAL B 281 -13.42 19.32 -2.36
CA VAL B 281 -14.71 19.99 -2.56
C VAL B 281 -14.72 21.02 -3.70
N LYS B 282 -13.57 21.22 -4.32
CA LYS B 282 -13.47 22.13 -5.46
C LYS B 282 -14.39 21.79 -6.65
N PRO B 283 -14.62 20.48 -6.93
CA PRO B 283 -15.58 20.15 -7.98
C PRO B 283 -16.99 20.67 -7.71
N PHE B 284 -17.33 20.84 -6.44
CA PHE B 284 -18.64 21.35 -6.06
C PHE B 284 -18.64 22.87 -6.12
N SER B 285 -17.51 23.47 -5.76
CA SER B 285 -17.32 24.90 -5.97
C SER B 285 -17.43 25.23 -7.47
N MET B 286 -16.80 24.37 -8.28
CA MET B 286 -16.81 24.52 -9.73
C MET B 286 -18.22 24.27 -10.28
N SER B 287 -18.96 23.35 -9.66
CA SER B 287 -20.36 23.09 -10.05
C SER B 287 -21.25 24.29 -9.82
N ALA B 288 -21.08 24.96 -8.68
CA ALA B 288 -21.81 26.18 -8.37
C ALA B 288 -21.48 27.32 -9.34
N ALA B 289 -20.21 27.40 -9.74
CA ALA B 289 -19.74 28.42 -10.69
C ALA B 289 -20.41 28.24 -12.05
N LEU B 290 -20.46 27.00 -12.52
CA LEU B 290 -21.07 26.67 -13.80
C LEU B 290 -22.59 26.83 -13.77
N ALA B 291 -23.20 26.63 -12.60
CA ALA B 291 -24.65 26.78 -12.44
C ALA B 291 -25.08 28.24 -12.28
N SER B 292 -24.12 29.12 -12.03
CA SER B 292 -24.39 30.54 -11.81
C SER B 292 -24.71 31.28 -13.11
N GLY B 293 -24.23 30.75 -14.22
CA GLY B 293 -24.37 31.40 -15.52
C GLY B 293 -23.36 32.51 -15.71
N ARG B 294 -22.38 32.56 -14.82
CA ARG B 294 -21.36 33.61 -14.83
C ARG B 294 -20.00 33.09 -15.27
N TRP B 295 -19.91 31.77 -15.45
CA TRP B 295 -18.66 31.13 -15.81
C TRP B 295 -18.85 30.05 -16.87
N LYS B 296 -17.81 29.83 -17.66
CA LYS B 296 -17.81 28.81 -18.68
C LYS B 296 -16.46 28.15 -18.67
N PRO B 297 -16.38 26.86 -19.08
CA PRO B 297 -15.12 26.09 -19.02
C PRO B 297 -13.94 26.78 -19.69
N SER B 298 -14.19 27.56 -20.74
CA SER B 298 -13.11 28.24 -21.47
C SER B 298 -12.50 29.44 -20.73
N ASP B 299 -13.24 30.00 -19.76
CA ASP B 299 -12.74 31.14 -18.98
C ASP B 299 -11.39 30.87 -18.36
N ILE B 300 -10.53 31.90 -18.37
CA ILE B 300 -9.20 31.81 -17.79
C ILE B 300 -9.09 32.74 -16.58
N VAL B 301 -8.47 32.24 -15.52
CA VAL B 301 -8.25 33.01 -14.29
C VAL B 301 -6.75 33.21 -14.10
N ASP B 302 -6.36 34.44 -13.77
CA ASP B 302 -4.96 34.74 -13.49
C ASP B 302 -4.67 34.42 -12.03
N VAL B 303 -3.66 33.58 -11.80
CA VAL B 303 -3.32 33.13 -10.44
C VAL B 303 -1.94 33.56 -9.96
N TYR B 304 -1.26 34.37 -10.77
CA TYR B 304 0.05 34.93 -10.41
C TYR B 304 -0.04 35.77 -9.14
N PRO B 305 0.94 35.64 -8.23
CA PRO B 305 2.11 34.74 -8.25
C PRO B 305 1.92 33.46 -7.43
N GLY B 306 0.68 33.00 -7.31
CA GLY B 306 0.38 31.82 -6.52
C GLY B 306 -0.05 32.15 -5.11
N THR B 307 -0.15 33.45 -4.82
CA THR B 307 -0.72 33.95 -3.58
C THR B 307 -1.75 35.02 -3.89
N LEU B 308 -2.70 35.18 -2.98
CA LEU B 308 -3.71 36.23 -3.06
C LEU B 308 -3.97 36.77 -1.67
N GLN B 309 -3.82 38.09 -1.52
CA GLN B 309 -3.99 38.73 -0.23
C GLN B 309 -5.39 39.28 -0.08
N ILE B 310 -6.04 38.92 1.02
CA ILE B 310 -7.32 39.50 1.40
C ILE B 310 -7.23 40.02 2.82
N GLY B 311 -6.75 41.25 2.95
CA GLY B 311 -6.49 41.86 4.25
C GLY B 311 -5.32 41.19 4.94
N ARG B 312 -5.59 40.67 6.14
CA ARG B 312 -4.59 39.96 6.94
C ARG B 312 -4.33 38.54 6.43
N TYR B 313 -5.38 37.87 5.98
CA TYR B 313 -5.28 36.48 5.51
C TYR B 313 -4.66 36.38 4.11
N THR B 314 -3.79 35.37 3.93
CA THR B 314 -3.14 35.10 2.65
C THR B 314 -3.48 33.70 2.11
N ILE B 315 -4.06 33.67 0.92
CA ILE B 315 -4.34 32.42 0.20
C ILE B 315 -3.09 32.02 -0.58
N ARG B 316 -2.74 30.73 -0.50
CA ARG B 316 -1.53 30.21 -1.15
C ARG B 316 -1.79 28.98 -2.01
N ASP B 317 -1.14 28.94 -3.17
CA ASP B 317 -1.09 27.74 -4.00
C ASP B 317 0.22 27.00 -3.70
N VAL B 318 0.17 25.67 -3.78
CA VAL B 318 1.36 24.83 -3.64
C VAL B 318 2.07 24.73 -5.00
N SER B 319 1.30 24.42 -6.04
CA SER B 319 1.78 24.46 -7.41
C SER B 319 1.85 25.93 -7.89
N ARG B 320 3.04 26.35 -8.28
CA ARG B 320 3.30 27.76 -8.60
C ARG B 320 3.93 27.92 -9.98
N ASN B 321 3.51 27.07 -10.91
CA ASN B 321 4.15 26.99 -12.23
C ASN B 321 3.41 27.72 -13.35
N SER B 322 2.15 28.06 -13.12
CA SER B 322 1.34 28.74 -14.13
C SER B 322 0.92 30.14 -13.69
N ARG B 323 0.93 31.08 -14.63
CA ARG B 323 0.46 32.44 -14.39
C ARG B 323 -1.06 32.53 -14.49
N GLN B 324 -1.63 31.72 -15.37
CA GLN B 324 -3.08 31.67 -15.55
C GLN B 324 -3.56 30.27 -15.89
N LEU B 325 -4.81 29.98 -15.54
CA LEU B 325 -5.38 28.65 -15.77
C LEU B 325 -6.83 28.74 -16.20
N ASP B 326 -7.23 27.90 -17.14
CA ASP B 326 -8.65 27.74 -17.44
C ASP B 326 -9.33 26.99 -16.28
N LEU B 327 -10.64 26.81 -16.37
CA LEU B 327 -11.38 26.19 -15.27
C LEU B 327 -10.92 24.76 -14.98
N THR B 328 -10.65 23.99 -16.03
CA THR B 328 -10.10 22.64 -15.89
C THR B 328 -8.72 22.64 -15.23
N GLY B 329 -7.85 23.55 -15.66
CA GLY B 329 -6.50 23.66 -15.10
C GLY B 329 -6.49 24.09 -13.64
N ILE B 330 -7.58 24.72 -13.21
CA ILE B 330 -7.76 25.06 -11.80
C ILE B 330 -7.93 23.76 -10.99
N LEU B 331 -8.72 22.83 -11.52
CA LEU B 331 -8.89 21.53 -10.87
C LEU B 331 -7.67 20.62 -11.02
N ILE B 332 -6.98 20.69 -12.17
CA ILE B 332 -5.78 19.87 -12.41
C ILE B 332 -4.63 20.27 -11.49
N LYS B 333 -4.36 21.56 -11.40
CA LYS B 333 -3.25 22.09 -10.61
C LYS B 333 -3.66 22.36 -9.17
N SER B 334 -4.96 22.17 -8.90
CA SER B 334 -5.55 22.44 -7.60
C SER B 334 -5.13 23.81 -7.08
N SER B 335 -5.52 24.84 -7.81
CA SER B 335 -5.23 26.22 -7.43
C SER B 335 -6.26 26.76 -6.43
N ASN B 336 -5.81 27.03 -5.22
CA ASN B 336 -6.64 27.70 -4.22
C ASN B 336 -6.98 29.12 -4.65
N VAL B 337 -5.96 29.83 -5.15
CA VAL B 337 -6.13 31.20 -5.65
C VAL B 337 -7.19 31.24 -6.76
N GLY B 338 -7.07 30.32 -7.70
CA GLY B 338 -8.04 30.18 -8.79
C GLY B 338 -9.47 30.06 -8.28
N ILE B 339 -9.69 29.08 -7.41
CA ILE B 339 -11.03 28.78 -6.92
C ILE B 339 -11.60 29.93 -6.08
N SER B 340 -10.72 30.62 -5.35
CA SER B 340 -11.08 31.76 -4.51
C SER B 340 -11.60 32.93 -5.33
N LYS B 341 -10.90 33.27 -6.41
CA LYS B 341 -11.32 34.32 -7.31
C LYS B 341 -12.69 34.03 -7.90
N ILE B 342 -12.94 32.77 -8.27
CA ILE B 342 -14.26 32.33 -8.71
C ILE B 342 -15.30 32.51 -7.58
N ALA B 343 -14.91 32.13 -6.37
CA ALA B 343 -15.79 32.21 -5.20
C ALA B 343 -16.18 33.64 -4.86
N PHE B 344 -15.23 34.56 -4.98
CA PHE B 344 -15.50 36.00 -4.79
C PHE B 344 -16.56 36.46 -5.78
N ASP B 345 -16.47 35.97 -7.01
CA ASP B 345 -17.38 36.36 -8.07
C ASP B 345 -18.80 35.82 -7.88
N ILE B 346 -18.93 34.56 -7.46
CA ILE B 346 -20.25 33.92 -7.38
C ILE B 346 -20.93 34.09 -6.01
N GLY B 347 -20.14 34.41 -4.99
CA GLY B 347 -20.66 34.52 -3.64
C GLY B 347 -20.62 33.18 -2.92
N ALA B 348 -20.57 33.24 -1.60
CA ALA B 348 -20.46 32.04 -0.78
C ALA B 348 -21.78 31.29 -0.70
N GLU B 349 -22.89 32.02 -0.81
CA GLU B 349 -24.22 31.42 -0.72
C GLU B 349 -24.46 30.33 -1.77
N SER B 350 -24.00 30.57 -3.00
CA SER B 350 -24.14 29.58 -4.08
C SER B 350 -23.25 28.35 -3.88
N ILE B 351 -22.12 28.53 -3.20
CA ILE B 351 -21.23 27.41 -2.85
C ILE B 351 -21.79 26.62 -1.68
N TYR B 352 -22.20 27.31 -0.62
CA TYR B 352 -22.90 26.70 0.51
C TYR B 352 -24.05 25.83 0.00
N SER B 353 -24.76 26.36 -1.00
CA SER B 353 -25.96 25.75 -1.55
C SER B 353 -25.73 24.38 -2.21
N VAL B 354 -24.71 24.28 -3.07
CA VAL B 354 -24.42 23.01 -3.77
C VAL B 354 -23.99 21.93 -2.76
N MET B 355 -23.09 22.33 -1.85
CA MET B 355 -22.55 21.47 -0.81
C MET B 355 -23.64 20.89 0.10
N GLN B 356 -24.62 21.71 0.45
CA GLN B 356 -25.75 21.26 1.25
C GLN B 356 -26.56 20.22 0.49
N GLN B 357 -26.80 20.50 -0.78
CA GLN B 357 -27.60 19.65 -1.65
C GLN B 357 -26.94 18.29 -1.92
N VAL B 358 -25.61 18.27 -1.99
CA VAL B 358 -24.92 17.00 -2.21
C VAL B 358 -24.75 16.23 -0.90
N GLY B 359 -25.07 16.89 0.21
CA GLY B 359 -25.16 16.22 1.51
C GLY B 359 -24.00 16.44 2.47
N LEU B 360 -23.12 17.38 2.15
CA LEU B 360 -21.99 17.69 3.04
C LEU B 360 -22.51 18.41 4.27
N GLY B 361 -22.22 17.87 5.45
CA GLY B 361 -22.72 18.41 6.71
C GLY B 361 -24.20 18.15 6.97
N GLN B 362 -24.78 17.20 6.25
CA GLN B 362 -26.19 16.82 6.44
C GLN B 362 -26.35 15.41 7.00
N ASP B 363 -27.44 15.18 7.71
CA ASP B 363 -27.79 13.84 8.19
C ASP B 363 -27.92 12.90 6.99
N THR B 364 -27.26 11.75 7.05
CA THR B 364 -27.28 10.76 5.97
C THR B 364 -28.53 9.90 6.06
N GLY B 365 -29.07 9.78 7.27
CA GLY B 365 -30.26 8.97 7.53
C GLY B 365 -29.98 7.51 7.82
N LEU B 366 -28.71 7.16 7.88
CA LEU B 366 -28.31 5.76 8.03
C LEU B 366 -28.56 5.20 9.43
N GLY B 367 -28.35 6.03 10.44
CA GLY B 367 -28.59 5.63 11.82
C GLY B 367 -27.54 4.67 12.35
N PHE B 368 -26.31 4.80 11.85
CA PHE B 368 -25.19 4.02 12.38
C PHE B 368 -24.75 4.62 13.73
N PRO B 369 -24.57 3.76 14.76
CA PRO B 369 -24.23 4.25 16.10
C PRO B 369 -22.99 5.15 16.10
N GLY B 370 -23.12 6.35 16.67
CA GLY B 370 -21.99 7.29 16.76
C GLY B 370 -21.72 8.13 15.52
N GLU B 371 -22.53 7.94 14.47
CA GLU B 371 -22.33 8.63 13.21
C GLU B 371 -22.43 10.14 13.42
N ARG B 372 -21.53 10.87 12.75
CA ARG B 372 -21.44 12.31 12.87
C ARG B 372 -22.06 12.96 11.65
N VAL B 373 -22.70 14.11 11.88
CA VAL B 373 -23.35 14.89 10.82
C VAL B 373 -22.34 15.82 10.17
N GLY B 374 -21.29 16.16 10.90
CA GLY B 374 -20.37 17.20 10.47
C GLY B 374 -20.97 18.60 10.56
N ASN B 375 -20.26 19.55 9.95
CA ASN B 375 -20.59 20.97 10.08
C ASN B 375 -20.39 21.74 8.79
N LEU B 376 -21.49 22.27 8.26
CA LEU B 376 -21.44 23.19 7.13
C LEU B 376 -21.89 24.57 7.62
N PRO B 377 -20.93 25.46 7.91
CA PRO B 377 -21.22 26.74 8.58
C PRO B 377 -22.11 27.66 7.77
N ASN B 378 -23.08 28.28 8.41
CA ASN B 378 -23.85 29.35 7.77
C ASN B 378 -23.69 30.67 8.51
N HIS B 379 -23.19 31.68 7.81
CA HIS B 379 -23.03 33.02 8.36
C HIS B 379 -24.14 33.95 7.88
N ARG B 380 -24.38 35.01 8.64
CA ARG B 380 -25.30 36.06 8.24
C ARG B 380 -24.77 36.71 6.96
N LYS B 381 -23.62 37.36 7.07
CA LYS B 381 -22.87 37.82 5.91
C LYS B 381 -21.54 37.09 5.84
N TRP B 382 -21.06 36.86 4.61
CA TRP B 382 -19.83 36.12 4.40
C TRP B 382 -18.69 37.06 3.98
N PRO B 383 -17.68 37.22 4.86
CA PRO B 383 -16.49 37.99 4.48
C PRO B 383 -15.64 37.20 3.48
N LYS B 384 -14.69 37.87 2.82
CA LYS B 384 -13.88 37.25 1.78
C LYS B 384 -13.14 35.99 2.22
N ALA B 385 -12.51 36.06 3.40
CA ALA B 385 -11.77 34.94 3.98
C ALA B 385 -12.60 33.65 4.06
N GLU B 386 -13.76 33.72 4.72
CA GLU B 386 -14.66 32.57 4.91
C GLU B 386 -15.20 32.03 3.59
N THR B 387 -15.46 32.94 2.65
CA THR B 387 -15.93 32.59 1.30
C THR B 387 -14.88 31.78 0.53
N ALA B 388 -13.63 32.22 0.62
CA ALA B 388 -12.53 31.55 -0.08
C ALA B 388 -12.22 30.19 0.55
N THR B 389 -12.01 30.17 1.87
CA THR B 389 -11.68 28.93 2.59
C THR B 389 -12.75 27.85 2.43
N LEU B 390 -14.03 28.24 2.49
CA LEU B 390 -15.14 27.32 2.24
C LEU B 390 -15.01 26.69 0.85
N ALA B 391 -14.71 27.53 -0.14
CA ALA B 391 -14.62 27.13 -1.54
C ALA B 391 -13.50 26.11 -1.81
N TYR B 392 -12.40 26.21 -1.08
CA TYR B 392 -11.35 25.21 -1.23
C TYR B 392 -11.24 24.25 -0.02
N GLY B 393 -12.31 24.17 0.76
CA GLY B 393 -12.54 23.03 1.67
C GLY B 393 -12.11 23.10 3.11
N TYR B 394 -11.92 24.30 3.65
CA TYR B 394 -11.63 24.45 5.08
C TYR B 394 -12.71 25.27 5.76
N GLY B 395 -12.83 25.10 7.07
CA GLY B 395 -13.93 25.71 7.82
C GLY B 395 -15.21 24.90 7.75
N LEU B 396 -15.14 23.72 7.13
CA LEU B 396 -16.28 22.79 7.12
C LEU B 396 -15.77 21.41 7.46
N SER B 397 -16.65 20.58 8.01
CA SER B 397 -16.25 19.23 8.39
C SER B 397 -17.23 18.20 7.88
N VAL B 398 -16.67 17.14 7.28
CA VAL B 398 -17.45 16.06 6.69
C VAL B 398 -16.89 14.70 7.15
N THR B 399 -17.67 13.65 6.92
CA THR B 399 -17.19 12.28 7.13
C THR B 399 -16.83 11.68 5.79
N ALA B 400 -16.08 10.59 5.81
CA ALA B 400 -15.70 9.89 4.57
C ALA B 400 -16.93 9.38 3.83
N ILE B 401 -17.95 8.91 4.55
CA ILE B 401 -19.18 8.50 3.86
C ILE B 401 -19.93 9.64 3.14
N GLN B 402 -20.03 10.81 3.77
CA GLN B 402 -20.62 12.00 3.12
C GLN B 402 -19.87 12.40 1.85
N LEU B 403 -18.54 12.46 1.94
CA LEU B 403 -17.71 12.81 0.79
C LEU B 403 -17.94 11.84 -0.37
N ALA B 404 -17.97 10.54 -0.08
CA ALA B 404 -18.29 9.53 -1.08
C ALA B 404 -19.69 9.70 -1.69
N HIS B 405 -20.67 9.99 -0.84
CA HIS B 405 -22.05 10.25 -1.28
C HIS B 405 -22.15 11.51 -2.17
N ALA B 406 -21.37 12.53 -1.85
CA ALA B 406 -21.31 13.75 -2.65
C ALA B 406 -20.72 13.47 -4.02
N TYR B 407 -19.63 12.69 -4.05
CA TYR B 407 -19.04 12.27 -5.32
C TYR B 407 -19.96 11.34 -6.11
N ALA B 408 -20.75 10.53 -5.41
CA ALA B 408 -21.73 9.65 -6.06
C ALA B 408 -22.75 10.43 -6.88
N ALA B 409 -23.23 11.54 -6.32
CA ALA B 409 -24.23 12.39 -6.97
C ALA B 409 -23.67 13.02 -8.25
N LEU B 410 -22.43 13.50 -8.17
CA LEU B 410 -21.70 14.01 -9.33
C LEU B 410 -21.57 12.92 -10.41
N ALA B 411 -21.09 11.75 -10.01
CA ALA B 411 -20.94 10.60 -10.89
C ALA B 411 -22.27 10.16 -11.52
N ASN B 412 -23.36 10.28 -10.75
CA ASN B 412 -24.68 9.83 -11.17
C ASN B 412 -25.45 10.92 -11.95
N ASP B 413 -24.73 11.62 -12.82
CA ASP B 413 -25.29 12.72 -13.63
C ASP B 413 -26.06 13.76 -12.82
N GLY B 414 -25.55 14.06 -11.63
CA GLY B 414 -26.14 15.10 -10.78
C GLY B 414 -27.28 14.66 -9.89
N LYS B 415 -27.63 13.38 -9.96
CA LYS B 415 -28.73 12.84 -9.16
C LYS B 415 -28.22 12.15 -7.89
N SER B 416 -28.65 12.67 -6.74
CA SER B 416 -28.33 12.07 -5.45
C SER B 416 -29.38 11.05 -5.03
N VAL B 417 -28.92 9.89 -4.57
CA VAL B 417 -29.82 8.86 -4.04
C VAL B 417 -29.53 8.62 -2.55
N PRO B 418 -30.57 8.28 -1.76
CA PRO B 418 -30.31 8.02 -0.34
C PRO B 418 -29.24 6.95 -0.11
N LEU B 419 -28.35 7.17 0.86
CA LEU B 419 -27.38 6.16 1.29
C LEU B 419 -28.07 4.94 1.91
N SER B 420 -27.48 3.76 1.71
CA SER B 420 -27.94 2.54 2.36
C SER B 420 -26.80 1.61 2.77
N MET B 421 -26.88 1.10 4.00
CA MET B 421 -25.95 0.10 4.48
C MET B 421 -26.55 -1.29 4.45
N THR B 422 -27.79 -1.40 3.96
CA THR B 422 -28.42 -2.67 3.71
C THR B 422 -28.70 -2.83 2.22
N ARG B 423 -28.79 -4.09 1.77
CA ARG B 423 -29.04 -4.41 0.36
C ARG B 423 -30.33 -3.80 -0.15
N VAL B 424 -30.23 -3.11 -1.29
CA VAL B 424 -31.35 -2.40 -1.91
C VAL B 424 -31.98 -3.25 -3.02
N ASP B 425 -33.29 -3.49 -2.94
CA ASP B 425 -33.98 -4.31 -3.93
C ASP B 425 -34.42 -3.50 -5.16
N ARG B 426 -34.98 -2.33 -4.92
CA ARG B 426 -35.43 -1.45 -6.01
C ARG B 426 -34.66 -0.12 -5.96
N VAL B 427 -33.99 0.21 -7.06
CA VAL B 427 -33.26 1.48 -7.19
C VAL B 427 -34.18 2.64 -6.77
N PRO B 428 -33.75 3.41 -5.76
CA PRO B 428 -34.60 4.45 -5.18
C PRO B 428 -34.76 5.67 -6.08
N ASP B 429 -35.81 6.45 -5.82
CA ASP B 429 -36.01 7.72 -6.49
C ASP B 429 -34.98 8.72 -5.97
N GLY B 430 -34.22 9.30 -6.90
CA GLY B 430 -33.18 10.25 -6.55
C GLY B 430 -33.59 11.70 -6.73
N VAL B 431 -32.84 12.59 -6.10
CA VAL B 431 -33.06 14.04 -6.20
C VAL B 431 -32.00 14.62 -7.12
N GLN B 432 -32.43 15.38 -8.13
CA GLN B 432 -31.50 16.09 -9.00
C GLN B 432 -30.96 17.28 -8.23
N VAL B 433 -29.70 17.21 -7.81
CA VAL B 433 -29.09 18.27 -7.00
C VAL B 433 -28.12 19.11 -7.82
N ILE B 434 -27.68 18.54 -8.93
CA ILE B 434 -26.83 19.23 -9.90
C ILE B 434 -27.45 18.90 -11.25
N SER B 435 -27.50 19.89 -12.15
CA SER B 435 -28.06 19.68 -13.48
C SER B 435 -27.24 18.63 -14.23
N PRO B 436 -27.90 17.82 -15.09
CA PRO B 436 -27.14 16.85 -15.86
C PRO B 436 -26.01 17.49 -16.68
N GLU B 437 -26.24 18.69 -17.23
CA GLU B 437 -25.24 19.37 -18.04
C GLU B 437 -24.02 19.77 -17.23
N VAL B 438 -24.24 20.41 -16.09
CA VAL B 438 -23.16 20.77 -15.16
C VAL B 438 -22.40 19.51 -14.69
N ALA B 439 -23.14 18.49 -14.25
CA ALA B 439 -22.55 17.20 -13.86
C ALA B 439 -21.63 16.63 -14.95
N SER B 440 -22.14 16.60 -16.18
CA SER B 440 -21.39 16.10 -17.33
C SER B 440 -20.08 16.84 -17.54
N THR B 441 -20.15 18.17 -17.53
CA THR B 441 -18.98 19.03 -17.67
C THR B 441 -17.95 18.79 -16.57
N VAL B 442 -18.41 18.73 -15.32
CA VAL B 442 -17.53 18.50 -14.17
C VAL B 442 -16.90 17.11 -14.21
N GLN B 443 -17.67 16.11 -14.65
CA GLN B 443 -17.15 14.74 -14.84
C GLN B 443 -15.97 14.73 -15.81
N GLY B 444 -16.12 15.47 -16.91
CA GLY B 444 -15.08 15.57 -17.94
C GLY B 444 -13.83 16.23 -17.39
N MET B 445 -14.04 17.26 -16.57
CA MET B 445 -12.94 17.96 -15.92
C MET B 445 -12.18 17.06 -14.93
N LEU B 446 -12.92 16.23 -14.18
CA LEU B 446 -12.30 15.33 -13.21
C LEU B 446 -11.60 14.16 -13.90
N GLN B 447 -12.07 13.80 -15.09
CA GLN B 447 -11.38 12.83 -15.92
C GLN B 447 -10.01 13.37 -16.36
N GLN B 448 -9.97 14.67 -16.70
CA GLN B 448 -8.73 15.36 -17.06
C GLN B 448 -7.78 15.51 -15.87
N VAL B 449 -8.34 15.72 -14.69
CA VAL B 449 -7.56 15.76 -13.46
C VAL B 449 -6.73 14.48 -13.32
N VAL B 450 -7.33 13.34 -13.69
CA VAL B 450 -6.65 12.05 -13.64
C VAL B 450 -5.77 11.80 -14.86
N GLU B 451 -6.28 12.11 -16.05
CA GLU B 451 -5.65 11.69 -17.32
C GLU B 451 -4.74 12.70 -18.01
N ALA B 452 -4.95 14.00 -17.77
CA ALA B 452 -4.18 15.05 -18.45
C ALA B 452 -2.74 15.15 -17.95
N GLN B 453 -1.89 15.80 -18.74
CA GLN B 453 -0.50 16.04 -18.36
C GLN B 453 -0.43 16.96 -17.15
N GLY B 454 0.37 16.57 -16.17
CA GLY B 454 0.45 17.30 -14.89
C GLY B 454 -0.64 16.89 -13.91
N GLY B 455 -1.48 15.94 -14.32
CA GLY B 455 -2.59 15.48 -13.51
C GLY B 455 -2.20 14.41 -12.50
N VAL B 456 -3.22 13.82 -11.87
CA VAL B 456 -2.98 12.81 -10.83
C VAL B 456 -2.88 11.44 -11.48
N PHE B 457 -1.73 11.16 -12.10
CA PHE B 457 -1.57 9.95 -12.91
C PHE B 457 -1.57 8.66 -12.10
N ARG B 458 -1.17 8.73 -10.83
CA ARG B 458 -1.20 7.55 -9.96
C ARG B 458 -2.61 7.06 -9.65
N ALA B 459 -3.62 7.82 -10.08
CA ALA B 459 -5.02 7.46 -9.87
C ALA B 459 -5.64 6.71 -11.07
N GLN B 460 -4.89 6.64 -12.17
CA GLN B 460 -5.34 5.93 -13.36
C GLN B 460 -5.62 4.45 -13.11
N VAL B 461 -6.79 4.00 -13.56
CA VAL B 461 -7.21 2.61 -13.39
C VAL B 461 -6.95 1.88 -14.72
N PRO B 462 -6.05 0.87 -14.71
CA PRO B 462 -5.75 0.14 -15.94
C PRO B 462 -7.00 -0.53 -16.53
N GLY B 463 -7.27 -0.24 -17.80
CA GLY B 463 -8.46 -0.71 -18.49
C GLY B 463 -9.60 0.27 -18.58
N TYR B 464 -9.59 1.28 -17.71
CA TYR B 464 -10.73 2.19 -17.58
C TYR B 464 -10.33 3.64 -17.66
N HIS B 465 -11.32 4.48 -17.96
CA HIS B 465 -11.22 5.91 -17.75
C HIS B 465 -11.80 6.21 -16.38
N ALA B 466 -10.98 6.78 -15.51
CA ALA B 466 -11.40 7.20 -14.18
C ALA B 466 -11.33 8.72 -14.04
N ALA B 467 -12.06 9.23 -13.06
CA ALA B 467 -12.16 10.66 -12.80
C ALA B 467 -12.12 10.88 -11.30
N GLY B 468 -11.48 11.95 -10.87
CA GLY B 468 -11.45 12.26 -9.46
C GLY B 468 -10.64 13.47 -9.11
N LYS B 469 -10.47 13.69 -7.81
CA LYS B 469 -9.79 14.86 -7.29
C LYS B 469 -8.98 14.50 -6.05
N SER B 470 -7.73 14.94 -6.01
CA SER B 470 -6.90 14.79 -4.83
C SER B 470 -7.08 15.96 -3.83
N GLY B 471 -6.64 15.72 -2.60
CA GLY B 471 -6.64 16.73 -1.56
C GLY B 471 -5.53 16.41 -0.58
N THR B 472 -4.96 17.45 0.01
CA THR B 472 -3.99 17.37 1.10
C THR B 472 -4.36 18.47 2.09
N ALA B 473 -4.52 18.10 3.36
CA ALA B 473 -4.90 19.04 4.39
C ALA B 473 -3.95 18.91 5.57
N ARG B 474 -3.51 20.05 6.08
CA ARG B 474 -2.81 20.10 7.36
C ARG B 474 -3.77 19.63 8.43
N LYS B 475 -3.25 18.85 9.38
CA LYS B 475 -4.04 18.43 10.53
C LYS B 475 -4.11 19.57 11.54
N VAL B 476 -5.24 19.65 12.24
CA VAL B 476 -5.48 20.68 13.27
C VAL B 476 -4.53 20.50 14.45
N SER B 477 -4.07 21.60 15.02
CA SER B 477 -3.23 21.54 16.23
C SER B 477 -4.02 20.94 17.38
N VAL B 478 -3.33 20.19 18.23
CA VAL B 478 -3.97 19.44 19.32
C VAL B 478 -4.47 20.36 20.44
N GLY B 479 -3.60 21.28 20.86
CA GLY B 479 -3.88 22.12 22.01
C GLY B 479 -3.92 23.61 21.71
N THR B 480 -4.17 23.95 20.44
CA THR B 480 -4.38 25.34 20.05
C THR B 480 -5.29 25.39 18.83
N LYS B 481 -5.69 26.60 18.41
CA LYS B 481 -6.37 26.75 17.12
C LYS B 481 -5.32 26.78 16.01
N GLY B 482 -5.74 26.57 14.77
CA GLY B 482 -4.78 26.56 13.67
C GLY B 482 -4.28 25.16 13.36
N TYR B 483 -3.13 25.10 12.70
CA TYR B 483 -2.69 23.87 12.03
C TYR B 483 -1.28 23.41 12.39
N ARG B 484 -1.10 22.10 12.43
CA ARG B 484 0.20 21.50 12.65
C ARG B 484 1.10 21.80 11.46
N GLU B 485 2.40 21.91 11.73
CA GLU B 485 3.36 22.26 10.69
C GLU B 485 3.69 21.10 9.74
N ASN B 486 3.82 19.90 10.31
CA ASN B 486 4.28 18.74 9.54
C ASN B 486 3.45 17.47 9.72
N ALA B 487 2.14 17.62 9.85
CA ALA B 487 1.23 16.49 9.89
C ALA B 487 0.08 16.77 8.94
N TYR B 488 -0.22 15.79 8.09
CA TYR B 488 -1.16 15.97 7.02
C TYR B 488 -2.16 14.84 6.94
N ARG B 489 -3.26 15.13 6.26
CA ARG B 489 -4.24 14.13 5.88
C ARG B 489 -4.23 14.09 4.36
N SER B 490 -4.11 12.88 3.81
CA SER B 490 -4.06 12.64 2.36
C SER B 490 -5.39 12.14 1.85
N LEU B 491 -5.91 12.81 0.83
CA LEU B 491 -7.24 12.47 0.32
C LEU B 491 -7.25 12.21 -1.18
N PHE B 492 -8.10 11.26 -1.57
CA PHE B 492 -8.51 11.14 -2.96
C PHE B 492 -9.95 10.65 -3.04
N ALA B 493 -10.73 11.31 -3.90
CA ALA B 493 -12.11 10.96 -4.13
C ALA B 493 -12.37 10.91 -5.63
N GLY B 494 -13.11 9.89 -6.07
CA GLY B 494 -13.33 9.73 -7.49
C GLY B 494 -14.40 8.72 -7.82
N PHE B 495 -14.57 8.49 -9.12
CA PHE B 495 -15.57 7.57 -9.62
C PHE B 495 -15.11 6.98 -10.95
N ALA B 496 -15.72 5.88 -11.35
CA ALA B 496 -15.38 5.18 -12.58
C ALA B 496 -16.50 4.24 -12.99
N PRO B 497 -16.59 3.90 -14.29
CA PRO B 497 -15.82 4.47 -15.41
C PRO B 497 -16.38 5.80 -15.84
N ALA B 498 -15.54 6.66 -16.40
CA ALA B 498 -15.95 8.01 -16.82
C ALA B 498 -17.11 8.03 -17.82
N THR B 499 -17.16 7.04 -18.71
CA THR B 499 -18.19 6.98 -19.75
C THR B 499 -19.58 6.65 -19.19
N ASP B 500 -19.63 5.77 -18.19
CA ASP B 500 -20.87 5.49 -17.47
C ASP B 500 -20.55 5.12 -16.01
N PRO B 501 -20.42 6.14 -15.14
CA PRO B 501 -19.98 5.90 -13.75
C PRO B 501 -20.86 4.89 -13.00
N ARG B 502 -20.21 3.97 -12.30
CA ARG B 502 -20.91 2.96 -11.52
C ARG B 502 -20.55 3.06 -10.05
N ILE B 503 -19.29 3.40 -9.78
CA ILE B 503 -18.71 3.31 -8.45
C ILE B 503 -18.00 4.60 -8.04
N ALA B 504 -18.28 5.07 -6.82
CA ALA B 504 -17.59 6.20 -6.23
C ALA B 504 -16.76 5.71 -5.04
N MET B 505 -15.60 6.32 -4.84
CA MET B 505 -14.70 5.85 -3.80
C MET B 505 -13.93 6.99 -3.16
N VAL B 506 -13.72 6.88 -1.87
CA VAL B 506 -12.99 7.88 -1.10
C VAL B 506 -11.86 7.21 -0.31
N VAL B 507 -10.66 7.76 -0.41
CA VAL B 507 -9.51 7.22 0.32
C VAL B 507 -8.88 8.30 1.20
N VAL B 508 -8.94 8.10 2.51
CA VAL B 508 -8.40 9.08 3.45
C VAL B 508 -7.29 8.42 4.26
N ILE B 509 -6.10 9.01 4.22
CA ILE B 509 -4.97 8.45 4.97
C ILE B 509 -4.40 9.54 5.90
N ASP B 510 -4.35 9.23 7.20
CA ASP B 510 -3.94 10.20 8.24
C ASP B 510 -2.48 10.08 8.62
N GLU B 511 -1.80 11.23 8.57
CA GLU B 511 -0.38 11.35 8.94
C GLU B 511 0.57 10.37 8.23
N PRO B 512 0.57 10.34 6.89
CA PRO B 512 1.62 9.55 6.24
C PRO B 512 2.98 10.15 6.55
N SER B 513 4.00 9.32 6.71
CA SER B 513 5.32 9.82 7.15
C SER B 513 6.53 9.27 6.41
N LYS B 514 6.35 8.28 5.55
CA LYS B 514 7.50 7.56 4.98
C LYS B 514 7.76 7.77 3.48
N ALA B 515 6.75 8.20 2.74
CA ALA B 515 6.89 8.37 1.30
C ALA B 515 6.06 9.53 0.75
N GLY B 516 6.12 10.68 1.43
CA GLY B 516 5.38 11.87 0.99
C GLY B 516 4.00 11.96 1.63
N TYR B 517 3.26 13.01 1.31
CA TYR B 517 2.02 13.28 2.02
C TYR B 517 0.89 13.82 1.16
N PHE B 518 1.22 14.24 -0.07
CA PHE B 518 0.21 14.74 -1.02
C PHE B 518 -0.82 13.65 -1.32
N GLY B 519 -2.10 14.01 -1.35
CA GLY B 519 -3.16 13.06 -1.73
C GLY B 519 -2.92 12.26 -3.02
N GLY B 520 -2.42 12.94 -4.05
CA GLY B 520 -2.09 12.30 -5.33
C GLY B 520 -0.92 11.33 -5.31
N LEU B 521 -0.14 11.36 -4.23
CA LEU B 521 1.01 10.48 -4.02
C LEU B 521 0.66 9.30 -3.10
N VAL B 522 -0.13 9.58 -2.07
CA VAL B 522 -0.42 8.64 -1.00
C VAL B 522 -1.75 7.91 -1.22
N SER B 523 -2.84 8.67 -1.44
CA SER B 523 -4.17 8.07 -1.56
C SER B 523 -4.57 7.63 -2.96
N ALA B 524 -4.10 8.37 -3.98
CA ALA B 524 -4.42 8.06 -5.37
C ALA B 524 -4.04 6.63 -5.80
N PRO B 525 -2.83 6.14 -5.44
CA PRO B 525 -2.49 4.76 -5.80
C PRO B 525 -3.44 3.72 -5.20
N VAL B 526 -4.00 4.02 -4.03
CA VAL B 526 -4.95 3.07 -3.43
C VAL B 526 -6.22 3.03 -4.25
N PHE B 527 -6.70 4.22 -4.63
CA PHE B 527 -7.85 4.37 -5.51
C PHE B 527 -7.68 3.54 -6.78
N SER B 528 -6.51 3.67 -7.41
CA SER B 528 -6.20 2.97 -8.65
C SER B 528 -6.43 1.46 -8.52
N LYS B 529 -5.76 0.85 -7.55
CA LYS B 529 -5.82 -0.61 -7.37
C LYS B 529 -7.18 -1.13 -6.90
N VAL B 530 -7.82 -0.40 -5.98
CA VAL B 530 -9.12 -0.86 -5.45
C VAL B 530 -10.23 -0.69 -6.48
N MET B 531 -10.21 0.42 -7.21
CA MET B 531 -11.18 0.63 -8.31
C MET B 531 -11.01 -0.44 -9.40
N ALA B 532 -9.76 -0.78 -9.71
CA ALA B 532 -9.47 -1.81 -10.72
C ALA B 532 -10.10 -3.14 -10.33
N GLY B 533 -9.86 -3.55 -9.09
CA GLY B 533 -10.40 -4.78 -8.55
C GLY B 533 -11.91 -4.72 -8.44
N ALA B 534 -12.42 -3.58 -7.98
CA ALA B 534 -13.86 -3.38 -7.79
C ALA B 534 -14.63 -3.58 -9.08
N LEU B 535 -14.28 -2.80 -10.10
CA LEU B 535 -15.00 -2.82 -11.39
C LEU B 535 -14.95 -4.19 -12.05
N ARG B 536 -13.81 -4.89 -11.93
CA ARG B 536 -13.68 -6.27 -12.39
C ARG B 536 -14.63 -7.20 -11.66
N LEU B 537 -14.58 -7.21 -10.32
CA LEU B 537 -15.45 -8.07 -9.50
C LEU B 537 -16.93 -7.84 -9.79
N MET B 538 -17.25 -6.63 -10.28
CA MET B 538 -18.61 -6.28 -10.64
C MET B 538 -18.86 -6.35 -12.15
N ASN B 539 -17.93 -7.00 -12.86
CA ASN B 539 -18.01 -7.20 -14.31
C ASN B 539 -18.41 -5.96 -15.11
N VAL B 540 -17.68 -4.88 -14.89
CA VAL B 540 -17.89 -3.66 -15.66
C VAL B 540 -16.97 -3.69 -16.88
N PRO B 541 -17.54 -3.48 -18.08
CA PRO B 541 -16.75 -3.54 -19.31
C PRO B 541 -15.74 -2.40 -19.39
N PRO B 542 -14.45 -2.73 -19.60
CA PRO B 542 -13.38 -1.75 -19.80
C PRO B 542 -13.70 -0.76 -20.92
N ASP B 543 -13.61 0.53 -20.62
CA ASP B 543 -13.88 1.57 -21.60
C ASP B 543 -12.60 2.24 -22.10
N ASN B 544 -11.46 1.69 -21.72
CA ASN B 544 -10.14 2.20 -22.14
C ASN B 544 -9.15 1.06 -22.40
N LEU B 545 -9.44 0.27 -23.43
CA LEU B 545 -8.59 -0.88 -23.79
C LEU B 545 -7.16 -0.52 -24.25
N PRO B 546 -6.91 0.73 -24.72
CA PRO B 546 -5.53 1.20 -24.90
C PRO B 546 -4.60 1.02 -23.70
N THR B 547 -5.12 0.60 -22.55
CA THR B 547 -4.32 0.41 -21.34
C THR B 547 -4.77 -0.78 -20.46
N ALA B 548 -5.61 -1.64 -21.02
CA ALA B 548 -6.19 -2.78 -20.27
C ALA B 548 -5.17 -3.86 -19.95
N1 59H C . 5.37 -25.45 -1.11
C3 59H C . 9.26 -26.17 -4.05
N 59H C . 1.94 -24.87 -0.56
CA 59H C . 2.88 -25.11 -1.63
C 59H C . 4.01 -25.90 -0.98
O 59H C . 3.77 -26.90 -0.32
CX1 59H C . 2.30 -25.68 -2.93
CX2 59H C . 0.89 -26.25 -2.99
CX3 59H C . 0.42 -26.74 -4.18
CX4 59H C . 1.26 -26.72 -5.40
CX5 59H C . 2.55 -26.19 -5.34
CX6 59H C . 3.08 -25.64 -4.03
CX7 59H C . 1.18 -23.66 -0.41
OX1 59H C . 1.26 -22.75 -1.23
NX1 59H C . 0.30 -23.51 0.75
CX8 59H C . -0.54 -22.37 1.06
CX9 59H C . -1.27 -22.73 2.32
NX2 59H C . -0.57 -23.85 2.85
CXA 59H C . 0.15 -24.48 1.78
OX2 59H C . 0.57 -25.62 1.78
CA1 59H C . 6.45 -26.15 -0.47
C1 59H C . 7.45 -25.08 -0.20
O1 59H C . 7.43 -24.00 -0.79
N3 59H C . 8.30 -26.76 -1.95
CA3 59H C . 7.97 -26.57 -3.34
O3 59H C . 9.24 -25.49 -5.13
OXT 59H C . 10.36 -26.53 -3.53
CXB 59H C . 6.44 -27.62 -5.05
CXC 59H C . 7.28 -27.87 -3.83
CXD 59H C . 7.19 -27.27 -1.22
S4 59H C . 6.26 -28.17 -2.39
CXE 59H C . 8.23 -29.01 -4.06
C1 GOL D . 6.30 -10.68 -5.80
O1 GOL D . 5.40 -9.61 -5.52
C2 GOL D . 7.68 -10.09 -5.91
O2 GOL D . 7.75 -9.24 -7.07
C3 GOL D . 7.87 -9.33 -4.59
O3 GOL D . 9.09 -9.76 -3.99
CL CL E . -6.61 -18.94 -9.70
N1 IMD F . 19.21 6.75 5.69
C2 IMD F . 18.04 6.93 5.02
N3 IMD F . 17.97 8.22 4.63
C4 IMD F . 19.09 8.85 5.05
C5 IMD F . 19.87 7.93 5.71
N1 59H G . -4.50 21.66 -0.29
C3 59H G . -3.36 18.14 -3.50
N 59H G . -3.85 23.63 2.60
CA 59H G . -3.33 22.52 1.82
C 59H G . -3.92 22.76 0.44
O 59H G . -3.94 23.90 -0.03
CX1 59H G . -1.83 22.25 1.95
CX2 59H G . -0.91 23.15 2.77
CX3 59H G . 0.43 22.86 2.87
CX4 59H G . 0.99 21.65 2.19
CX5 59H G . 0.16 20.83 1.44
CX6 59H G . -1.32 21.16 1.33
CX7 59H G . -4.29 23.46 3.96
OX1 59H G . -4.18 22.39 4.54
NX1 59H G . -4.84 24.62 4.65
CX8 59H G . -5.33 24.69 6.02
CX9 59H G . -5.81 26.11 6.19
NX2 59H G . -5.98 26.60 4.87
CXA 59H G . -5.03 25.89 4.04
OX2 59H G . -4.55 26.28 3.01
CA1 59H G . -5.11 21.91 -1.57
C1 59H G . -6.28 21.00 -1.63
O1 59H G . -6.42 20.08 -0.81
N3 59H G . -4.40 20.29 -3.26
CA3 59H G . -3.27 19.51 -2.86
O3 59H G . -2.94 17.11 -2.88
OXT 59H G . -3.90 18.01 -4.63
CXB 59H G . -0.83 19.85 -2.30
CXC 59H G . -1.97 20.32 -3.17
CXD 59H G . -4.28 21.65 -2.83
S4 59H G . -2.58 21.91 -2.62
CXE 59H G . -1.59 20.33 -4.62
C1 GOL H . -11.24 9.30 7.55
O1 GOL H . -12.64 9.33 7.80
C2 GOL H . -10.52 9.06 8.86
O2 GOL H . -9.42 8.15 8.67
C3 GOL H . -9.99 10.41 9.34
O3 GOL H . -8.98 10.17 10.32
C1 GOL I . -6.07 -7.08 17.30
O1 GOL I . -6.22 -7.87 16.11
C2 GOL I . -6.76 -7.75 18.48
O2 GOL I . -6.12 -7.35 19.70
C3 GOL I . -8.23 -7.33 18.49
O3 GOL I . -8.79 -7.37 19.80
CL CL J . 5.40 12.66 -9.47
CL CL K . -7.19 17.11 11.96
CL CL L . -17.98 -4.24 25.38
N1 IMD M . -31.52 1.00 12.38
C2 IMD M . -31.23 1.94 11.43
N3 IMD M . -32.20 1.90 10.50
C4 IMD M . -33.11 0.95 10.85
C5 IMD M . -32.67 0.39 12.04
#